data_6T90
#
_entry.id   6T90
#
_cell.length_a   1.00
_cell.length_b   1.00
_cell.length_c   1.00
_cell.angle_alpha   90.00
_cell.angle_beta   90.00
_cell.angle_gamma   90.00
#
_symmetry.space_group_name_H-M   'P 1'
#
loop_
_entity.id
_entity.type
_entity.pdbx_description
1 polymer 'Histone H3.1'
2 polymer 'Histone H4'
3 polymer 'Histone H2A type 1-B/E'
4 polymer 'Histone H2B type 1-J'
5 polymer 'Histone H3.1'
6 polymer 'DNA (146-MER)'
7 polymer 'DNA (146-MER)'
8 polymer 'Green fluorescent protein,POU domain, class 5, transcription factor 1'
9 polymer 'Transcription factor SOX-2'
10 non-polymer PENTANEDIAL
#
loop_
_entity_poly.entity_id
_entity_poly.type
_entity_poly.pdbx_seq_one_letter_code
_entity_poly.pdbx_strand_id
1 'polypeptide(L)'
;GSHMARTKQTARKSTGGKAPRKQLATKAARKSAPATGGVKKPHRYRPGTVALREIRRYQKSTELLIRKLPFQRLVREIAQ
DFKTDLRFQSSAVMALQEACEAYLVGLFEDTNLCAIHAKRVTIMPKDIQLARRIRGERA
;
A
2 'polypeptide(L)'
;GSHMSGRGKGGKGLGKGGAKRHRKVLRDNIQGITKPAIRRLARRGGVKRISGLIYEETRGVLKVFLENVIRDAVTYTEHA
KRKTVTAMDVVYALKRQGRTLYGFGG
;
B,F
3 'polypeptide(L)'
;GSHMSGRGKQGGKARAKAKTRSSRAGLQFPVGRVHRLLRKGNYSERVGAGAPVYLAAVLEYLTAEILELAGNAARDNKKT
RIIPRHLQLAIRNDEELNKLLGRVTIAQGGVLPNIQAVLLPKKTESHHKAKGK
;
C,G
4 'polypeptide(L)'
;GSHMPEPAKSAPAPKKGSKKAVTKAQKKDGKKRKRSRKESYSIYVYKVLKQVHPDTGISSKAMGIMNSFVNDIFERIAGE
ASRLAHYNKRSTITSREIQTAVRLLLPGELAKHAVSEGTKAVTKYTSA
;
D,H
5 'polypeptide(L)'
;GSHMARTKQTARKSTGGKAPRKQLATKAARKSAPATGGVKKPHRYRPGTVALREIRRYQKSTELLIRKLPFQRLVREIAQ
DFKTDLRFQSSAVMALQEACEAYLVGLFEDTNLCAIHAKRVTIMPKDIQLARRIRGE
;
E
6 'polydeoxyribonucleotide'
;(DA)(DT)(DC)(DC)(DT)(DG)(DG)(DA)(DG)(DA)(DC)(DT)(DT)(DT)(DG)(DT)(DT)(DA)(DT)(DG)
(DC)(DA)(DA)(DA)(DT)(DC)(DC)(DG)(DC)(DT)(DC)(DA)(DA)(DT)(DT)(DG)(DG)(DT)(DC)(DG)
(DT)(DA)(DG)(DA)(DC)(DA)(DG)(DC)(DT)(DC)(DT)(DA)(DG)(DC)(DA)(DC)(DC)(DG)(DC)(DT)
(DT)(DA)(DA)(DA)(DC)(DG)(DC)(DA)(DC)(DG)(DT)(DA)(DC)(DG)(DC)(DG)(DC)(DT)(DG)(DT)
(DC)(DC)(DC)(DC)(DC)(DG)(DC)(DG)(DT)(DT)(DT)(DT)(DA)(DA)(DC)(DC)(DG)(DC)(DC)(DA)
(DA)(DG)(DG)(DG)(DG)(DA)(DT)(DT)(DA)(DC)(DT)(DC)(DC)(DC)(DT)(DA)(DG)(DT)(DC)(DT)
(DC)(DC)(DA)(DG)(DG)(DC)(DA)(DC)(DG)(DT)(DG)(DT)(DC)(DA)(DG)(DA)(DT)(DA)(DT)(DA)
(DT)(DA)(DC)(DA)(DT)(DC)(DC)(DT)(DG)(DT)(DG)(DA)(DT)
;
I
7 'polydeoxyribonucleotide'
;(DA)(DC)(DA)(DG)(DG)(DA)(DT)(DG)(DT)(DA)(DT)(DA)(DT)(DA)(DT)(DC)(DT)(DG)(DA)(DC)
(DA)(DC)(DG)(DT)(DG)(DC)(DC)(DT)(DG)(DG)(DA)(DG)(DA)(DC)(DT)(DA)(DG)(DG)(DG)(DA)
(DG)(DT)(DA)(DA)(DT)(DC)(DC)(DC)(DC)(DT)(DT)(DG)(DG)(DC)(DG)(DG)(DT)(DT)(DA)(DA)
(DA)(DA)(DC)(DG)(DC)(DG)(DG)(DG)(DG)(DG)(DA)(DC)(DA)(DG)(DC)(DG)(DC)(DG)(DT)(DA)
(DC)(DG)(DT)(DG)(DC)(DG)(DT)(DT)(DT)(DA)(DA)(DG)(DC)(DG)(DG)(DT)(DG)(DC)(DT)(DA)
(DG)(DA)(DG)(DC)(DT)(DG)(DT)(DC)(DT)(DA)(DC)(DG)(DA)(DC)(DC)(DA)(DA)(DT)(DT)(DG)
(DA)(DG)(DC)(DG)(DG)(DA)(DT)(DT)(DT)(DG)(DC)(DA)(DT)(DA)(DA)(DC)(DA)(DA)(DA)(DG)
(DT)(DC)(DT)(DC)(DC)(DA)(DG)
;
J
8 'polypeptide(L)'
;MDWSHPQFEKSAVDENLYFQGGMVSKGEELFTGVVPILVELDGDVNGHKFSVSGEGEGDATYGKLTLKFICTTGKLPVPW
PTLVTTLTYGVQCFSRYPDHMKQHDFFKSAMPEGYVQERTIFFKDDGNYKTRAEVKFEGDTLVNRIELKGIDFKEDGNIL
GHKLEYNYNSHNVYIMADKQKNGIKVNFKIRHNIEDGSVQLADHYQQNTPIGDGPVLLPDNHYLSTQSKLSKDPNEKRDH
MVLLEFVTAAGITLGMDELYKEAAAKEAAAKMAGHLASDFAFSPPPGGGGDGPGGPEPGWVDPRTWLSFQGPPGGPGIGP
GVGPGSEVWGIPPCPPPYEFCGGMAYCGPQVGVGLVPQGGLETSQPEGEAGVGVESNSDGASPEPCTVTPGAVKLEKEKL
EQNPEESQDIKALQKELEQFAKLLKQKRITLGYTQADVGLTLGVLFGKVFSQTTICRFEALQLSFKNMCKLRPLLQKWVE
EADNNENLQEICKAETLVQARKRKRTSIENRVRGNLENLFLQCPKPTLQQISHIAQQLGLEKDVVRVWFCNRRQKGKRSS
SDYAQREDFEAAGSPFSGGPVSFPLAPGPHFGTPGYGSPHFTALYSSVPFPEGEAFPPVSVTTLGSPMHSNLPETGGHHH
HHH
;
K
9 'polypeptide(L)'
;MDWSHPQFEKSAVDENLYFQGGMSPDRVKRPMNAFMVWSRGQRRKMAQENPKMHNSEISKRLGAEWKLLSETEKRPFIDE
AKRLRALHMKEHPDYKYRPRRKTKT
;
L
#
loop_
_chem_comp.id
_chem_comp.type
_chem_comp.name
_chem_comp.formula
DA DNA linking 2'-DEOXYADENOSINE-5'-MONOPHOSPHATE 'C10 H14 N5 O6 P'
DC DNA linking 2'-DEOXYCYTIDINE-5'-MONOPHOSPHATE 'C9 H14 N3 O7 P'
DG DNA linking 2'-DEOXYGUANOSINE-5'-MONOPHOSPHATE 'C10 H14 N5 O7 P'
DT DNA linking THYMIDINE-5'-MONOPHOSPHATE 'C10 H15 N2 O8 P'
PTD non-polymer PENTANEDIAL 'C5 H8 O2'
#
# COMPACT_ATOMS: atom_id res chain seq x y z
N ARG A 44 -47.84 26.29 14.83
CA ARG A 44 -46.91 25.39 14.17
C ARG A 44 -45.54 26.03 14.14
N TYR A 45 -44.49 25.24 14.19
CA TYR A 45 -43.14 25.75 14.02
C TYR A 45 -42.77 25.77 12.55
N ARG A 46 -41.88 26.67 12.14
CA ARG A 46 -41.44 26.68 10.77
C ARG A 46 -40.51 25.50 10.57
N PRO A 47 -40.42 24.92 9.37
CA PRO A 47 -39.48 23.88 9.07
C PRO A 47 -38.09 24.37 9.40
N GLY A 48 -37.32 23.52 10.06
CA GLY A 48 -35.96 23.79 10.47
C GLY A 48 -35.84 24.13 11.95
N THR A 49 -36.93 24.59 12.59
CA THR A 49 -36.83 24.89 14.02
C THR A 49 -36.68 23.60 14.79
N VAL A 50 -37.45 22.60 14.41
CA VAL A 50 -37.38 21.34 15.10
C VAL A 50 -36.07 20.67 14.78
N ALA A 51 -35.67 20.66 13.51
CA ALA A 51 -34.42 20.01 13.19
C ALA A 51 -33.26 20.60 13.97
N LEU A 52 -33.21 21.91 14.16
CA LEU A 52 -32.10 22.41 14.95
C LEU A 52 -32.21 21.97 16.39
N ARG A 53 -33.43 21.91 16.90
CA ARG A 53 -33.65 21.45 18.29
C ARG A 53 -33.08 20.04 18.41
N GLU A 54 -33.44 19.16 17.48
CA GLU A 54 -33.01 17.80 17.57
C GLU A 54 -31.53 17.68 17.42
N ILE A 55 -30.91 18.49 16.57
CA ILE A 55 -29.49 18.36 16.43
C ILE A 55 -28.84 18.63 17.78
N ARG A 56 -29.26 19.66 18.50
CA ARG A 56 -28.63 19.87 19.80
C ARG A 56 -28.87 18.74 20.78
N ARG A 57 -30.09 18.22 20.79
CA ARG A 57 -30.43 17.16 21.71
C ARG A 57 -29.65 15.90 21.48
N TYR A 58 -29.49 15.51 20.22
CA TYR A 58 -28.77 14.28 19.95
C TYR A 58 -27.29 14.48 20.10
N GLN A 59 -26.77 15.66 19.84
CA GLN A 59 -25.36 15.81 20.04
C GLN A 59 -25.02 15.74 21.52
N LYS A 60 -25.87 16.28 22.40
CA LYS A 60 -25.58 16.19 23.84
C LYS A 60 -25.72 14.79 24.44
N SER A 61 -26.69 13.99 24.05
CA SER A 61 -26.84 12.69 24.68
C SER A 61 -25.84 11.64 24.18
N THR A 62 -25.74 10.51 24.91
CA THR A 62 -24.83 9.42 24.55
C THR A 62 -25.46 8.06 24.22
N GLU A 63 -26.77 7.92 24.33
CA GLU A 63 -27.41 6.64 24.13
C GLU A 63 -27.39 6.16 22.70
N LEU A 64 -27.57 4.87 22.55
CA LEU A 64 -27.67 4.24 21.25
C LEU A 64 -28.98 4.66 20.61
N LEU A 65 -28.97 4.88 19.30
CA LEU A 65 -30.14 5.35 18.59
C LEU A 65 -30.89 4.25 17.87
N ILE A 66 -30.18 3.20 17.50
CA ILE A 66 -30.80 2.07 16.82
C ILE A 66 -31.41 1.18 17.89
N ARG A 67 -32.65 0.73 17.72
CA ARG A 67 -33.27 -0.12 18.73
C ARG A 67 -32.51 -1.42 18.84
N LYS A 68 -32.38 -1.94 20.06
CA LYS A 68 -31.59 -3.13 20.27
C LYS A 68 -32.07 -4.47 19.72
N LEU A 69 -33.34 -4.82 19.85
CA LEU A 69 -33.64 -6.12 19.30
C LEU A 69 -33.51 -6.19 17.78
N PRO A 70 -34.01 -5.23 17.00
CA PRO A 70 -33.84 -5.20 15.57
C PRO A 70 -32.40 -5.31 15.18
N PHE A 71 -31.52 -4.67 15.95
CA PHE A 71 -30.13 -4.75 15.63
C PHE A 71 -29.64 -6.15 15.84
N GLN A 72 -30.02 -6.80 16.93
CA GLN A 72 -29.53 -8.16 17.10
C GLN A 72 -29.99 -9.08 16.03
N ARG A 73 -31.21 -8.95 15.56
CA ARG A 73 -31.59 -9.87 14.53
C ARG A 73 -30.78 -9.64 13.29
N LEU A 74 -30.46 -8.40 12.97
CA LEU A 74 -29.65 -8.14 11.81
C LEU A 74 -28.28 -8.77 11.98
N VAL A 75 -27.70 -8.67 13.16
CA VAL A 75 -26.39 -9.27 13.36
C VAL A 75 -26.46 -10.75 13.17
N ARG A 76 -27.45 -11.38 13.73
CA ARG A 76 -27.55 -12.81 13.58
C ARG A 76 -27.82 -13.25 12.17
N GLU A 77 -28.64 -12.52 11.44
CA GLU A 77 -28.93 -12.88 10.08
C GLU A 77 -27.66 -12.91 9.27
N ILE A 78 -26.82 -11.91 9.47
CA ILE A 78 -25.58 -11.86 8.74
C ILE A 78 -24.67 -12.99 9.16
N ALA A 79 -24.55 -13.20 10.46
CA ALA A 79 -23.67 -14.23 10.94
C ALA A 79 -24.08 -15.59 10.44
N GLN A 80 -25.38 -15.82 10.31
CA GLN A 80 -25.94 -17.09 9.84
C GLN A 80 -25.49 -17.42 8.46
N ASP A 81 -25.31 -16.42 7.62
CA ASP A 81 -24.83 -16.71 6.28
C ASP A 81 -23.39 -17.18 6.31
N PHE A 82 -22.61 -16.68 7.25
CA PHE A 82 -21.22 -17.12 7.28
C PHE A 82 -21.09 -18.50 7.88
N LYS A 83 -21.76 -18.71 9.01
CA LYS A 83 -21.68 -19.99 9.72
C LYS A 83 -22.93 -20.20 10.55
N THR A 84 -23.51 -21.41 10.51
CA THR A 84 -24.69 -21.65 11.29
C THR A 84 -24.38 -21.95 12.72
N ASP A 85 -25.43 -21.91 13.53
CA ASP A 85 -25.37 -22.23 14.94
C ASP A 85 -24.37 -21.44 15.77
N LEU A 86 -24.25 -20.16 15.52
CA LEU A 86 -23.36 -19.36 16.35
C LEU A 86 -24.14 -18.68 17.43
N ARG A 87 -23.46 -18.45 18.52
CA ARG A 87 -24.00 -17.75 19.64
C ARG A 87 -23.25 -16.50 19.85
N PHE A 88 -23.87 -15.54 20.48
CA PHE A 88 -23.18 -14.30 20.77
C PHE A 88 -23.29 -13.91 22.18
N GLN A 89 -22.23 -13.35 22.70
CA GLN A 89 -22.33 -12.82 24.02
C GLN A 89 -23.04 -11.50 23.93
N SER A 90 -23.73 -11.09 24.98
CA SER A 90 -24.42 -9.82 24.90
C SER A 90 -23.47 -8.67 24.73
N SER A 91 -22.24 -8.82 25.21
CA SER A 91 -21.27 -7.78 25.05
C SER A 91 -20.70 -7.75 23.64
N ALA A 92 -20.84 -8.83 22.87
CA ALA A 92 -20.35 -8.81 21.52
C ALA A 92 -21.27 -7.99 20.72
N VAL A 93 -22.55 -8.10 21.00
CA VAL A 93 -23.50 -7.34 20.24
C VAL A 93 -23.33 -5.88 20.57
N MET A 94 -23.18 -5.53 21.84
CA MET A 94 -23.00 -4.12 22.13
C MET A 94 -21.75 -3.59 21.47
N ALA A 95 -20.67 -4.35 21.40
CA ALA A 95 -19.52 -3.82 20.72
C ALA A 95 -19.82 -3.56 19.26
N LEU A 96 -20.57 -4.45 18.61
CA LEU A 96 -20.90 -4.21 17.22
C LEU A 96 -21.78 -3.03 17.06
N GLN A 97 -22.70 -2.82 17.99
CA GLN A 97 -23.58 -1.72 17.81
C GLN A 97 -22.93 -0.39 18.04
N GLU A 98 -22.03 -0.30 19.01
CA GLU A 98 -21.37 0.98 19.21
C GLU A 98 -20.53 1.30 18.01
N ALA A 99 -19.87 0.30 17.45
CA ALA A 99 -19.05 0.57 16.29
C ALA A 99 -19.87 0.99 15.11
N CYS A 100 -21.03 0.35 14.91
CA CYS A 100 -21.85 0.71 13.76
C CYS A 100 -22.38 2.09 13.85
N GLU A 101 -22.82 2.51 15.01
CA GLU A 101 -23.31 3.84 15.04
C GLU A 101 -22.20 4.80 14.87
N ALA A 102 -21.04 4.56 15.48
CA ALA A 102 -19.98 5.53 15.32
C ALA A 102 -19.62 5.67 13.87
N TYR A 103 -19.64 4.58 13.14
CA TYR A 103 -19.35 4.62 11.74
C TYR A 103 -20.34 5.45 10.98
N LEU A 104 -21.63 5.20 11.18
CA LEU A 104 -22.63 5.94 10.44
C LEU A 104 -22.67 7.38 10.82
N VAL A 105 -22.43 7.71 12.06
CA VAL A 105 -22.47 9.10 12.39
C VAL A 105 -21.35 9.81 11.69
N GLY A 106 -20.15 9.23 11.69
CA GLY A 106 -19.03 9.86 11.01
C GLY A 106 -19.31 10.01 9.52
N LEU A 107 -19.98 9.04 8.93
CA LEU A 107 -20.30 9.12 7.53
C LEU A 107 -21.25 10.26 7.29
N PHE A 108 -22.22 10.46 8.16
CA PHE A 108 -23.13 11.55 7.96
C PHE A 108 -22.44 12.89 8.11
N GLU A 109 -21.45 13.01 8.97
CA GLU A 109 -20.77 14.30 9.05
C GLU A 109 -20.06 14.63 7.74
N ASP A 110 -19.43 13.64 7.11
CA ASP A 110 -18.73 13.91 5.85
C ASP A 110 -19.72 14.13 4.72
N THR A 111 -20.85 13.44 4.81
CA THR A 111 -21.90 13.57 3.83
C THR A 111 -22.42 14.99 3.89
N ASN A 112 -22.61 15.52 5.08
CA ASN A 112 -23.10 16.86 5.22
C ASN A 112 -22.15 17.86 4.62
N LEU A 113 -20.85 17.67 4.78
CA LEU A 113 -19.91 18.61 4.19
C LEU A 113 -19.98 18.61 2.70
N CYS A 114 -20.17 17.44 2.12
CA CYS A 114 -20.26 17.35 0.68
C CYS A 114 -21.48 18.11 0.19
N ALA A 115 -22.60 17.96 0.88
CA ALA A 115 -23.80 18.68 0.47
C ALA A 115 -23.61 20.16 0.55
N ILE A 116 -22.90 20.63 1.56
CA ILE A 116 -22.65 22.05 1.69
C ILE A 116 -21.78 22.54 0.55
N HIS A 117 -20.77 21.77 0.18
CA HIS A 117 -19.87 22.11 -0.90
C HIS A 117 -20.63 22.32 -2.20
N ALA A 118 -21.65 21.52 -2.40
CA ALA A 118 -22.48 21.58 -3.58
C ALA A 118 -23.57 22.63 -3.47
N LYS A 119 -23.53 23.39 -2.37
CA LYS A 119 -24.49 24.44 -2.03
C LYS A 119 -25.90 23.92 -1.81
N ARG A 120 -26.03 22.89 -0.99
CA ARG A 120 -27.31 22.37 -0.61
C ARG A 120 -27.39 22.17 0.87
N VAL A 121 -28.61 22.02 1.35
CA VAL A 121 -28.84 21.68 2.72
C VAL A 121 -29.17 20.20 2.79
N THR A 122 -29.95 19.75 1.82
CA THR A 122 -30.43 18.39 1.78
C THR A 122 -29.33 17.45 1.36
N ILE A 123 -29.16 16.36 2.11
CA ILE A 123 -28.17 15.37 1.74
C ILE A 123 -28.79 14.37 0.79
N MET A 124 -28.04 14.00 -0.25
CA MET A 124 -28.52 13.06 -1.24
C MET A 124 -27.59 11.87 -1.33
N PRO A 125 -27.98 10.72 -1.92
CA PRO A 125 -27.18 9.54 -2.07
C PRO A 125 -25.81 9.82 -2.67
N LYS A 126 -25.72 10.80 -3.52
CA LYS A 126 -24.43 11.13 -4.11
C LYS A 126 -23.47 11.71 -3.10
N ASP A 127 -23.94 12.32 -2.01
CA ASP A 127 -23.03 12.91 -1.09
C ASP A 127 -22.50 11.79 -0.27
N ILE A 128 -23.32 10.78 -0.04
CA ILE A 128 -22.82 9.63 0.71
C ILE A 128 -21.77 8.94 -0.12
N GLN A 129 -22.04 8.74 -1.39
CA GLN A 129 -21.09 8.06 -2.24
C GLN A 129 -19.81 8.83 -2.42
N LEU A 130 -19.87 10.14 -2.51
CA LEU A 130 -18.64 10.87 -2.66
C LEU A 130 -17.81 10.72 -1.41
N ALA A 131 -18.41 10.84 -0.24
CA ALA A 131 -17.60 10.74 0.94
C ALA A 131 -16.94 9.40 1.03
N ARG A 132 -17.64 8.34 0.66
CA ARG A 132 -17.01 7.05 0.75
C ARG A 132 -15.88 6.89 -0.22
N ARG A 133 -16.06 7.41 -1.41
CA ARG A 133 -15.02 7.30 -2.39
C ARG A 133 -13.77 8.04 -2.01
N ILE A 134 -13.90 9.23 -1.46
CA ILE A 134 -12.72 9.98 -1.07
C ILE A 134 -12.01 9.27 0.05
N ARG A 135 -12.76 8.74 1.00
CA ARG A 135 -12.14 8.01 2.09
C ARG A 135 -11.40 6.79 1.61
N GLY A 136 -11.87 6.16 0.54
CA GLY A 136 -11.18 4.99 0.04
C GLY A 136 -11.94 3.69 0.21
N GLU A 137 -13.24 3.75 0.42
CA GLU A 137 -14.02 2.53 0.56
C GLU A 137 -14.44 2.03 -0.81
N VAL B 25 -34.36 -19.66 10.66
CA VAL B 25 -33.78 -18.85 9.60
C VAL B 25 -34.25 -17.42 9.68
N LEU B 26 -33.31 -16.49 9.67
CA LEU B 26 -33.68 -15.10 9.69
C LEU B 26 -33.62 -14.48 8.31
N ARG B 27 -34.49 -13.51 8.08
CA ARG B 27 -34.47 -12.75 6.84
C ARG B 27 -35.06 -11.38 7.05
N ASP B 28 -34.68 -10.45 6.18
CA ASP B 28 -35.23 -9.11 6.10
C ASP B 28 -35.23 -8.34 7.40
N ASN B 29 -34.14 -8.42 8.16
CA ASN B 29 -34.11 -7.67 9.39
C ASN B 29 -33.38 -6.38 9.20
N ILE B 30 -33.02 -6.10 7.95
CA ILE B 30 -32.38 -4.87 7.57
C ILE B 30 -33.36 -3.74 7.75
N GLN B 31 -34.64 -4.08 7.70
CA GLN B 31 -35.71 -3.13 7.84
C GLN B 31 -35.92 -2.79 9.27
N GLY B 32 -35.17 -3.41 10.15
CA GLY B 32 -35.21 -3.14 11.54
C GLY B 32 -34.57 -1.79 11.80
N ILE B 33 -33.85 -1.27 10.82
CA ILE B 33 -33.27 0.02 10.96
C ILE B 33 -34.30 0.90 10.29
N THR B 34 -35.13 1.50 11.10
CA THR B 34 -36.28 2.24 10.68
C THR B 34 -35.90 3.62 10.26
N LYS B 35 -36.79 4.32 9.60
CA LYS B 35 -36.44 5.65 9.20
C LYS B 35 -35.99 6.52 10.35
N PRO B 36 -36.67 6.58 11.49
CA PRO B 36 -36.22 7.37 12.58
C PRO B 36 -34.86 6.93 13.09
N ALA B 37 -34.43 5.69 12.89
CA ALA B 37 -33.13 5.37 13.41
C ALA B 37 -32.11 6.08 12.58
N ILE B 38 -32.40 6.16 11.29
CA ILE B 38 -31.52 6.79 10.35
C ILE B 38 -31.54 8.26 10.56
N ARG B 39 -32.71 8.83 10.74
CA ARG B 39 -32.76 10.24 10.95
C ARG B 39 -32.05 10.66 12.19
N ARG B 40 -32.18 9.91 13.26
CA ARG B 40 -31.51 10.32 14.46
C ARG B 40 -30.01 10.25 14.30
N LEU B 41 -29.49 9.25 13.61
CA LEU B 41 -28.07 9.23 13.41
C LEU B 41 -27.64 10.41 12.59
N ALA B 42 -28.40 10.73 11.57
CA ALA B 42 -28.05 11.84 10.71
C ALA B 42 -28.09 13.14 11.46
N ARG B 43 -29.02 13.31 12.38
CA ARG B 43 -29.09 14.54 13.13
C ARG B 43 -27.94 14.65 14.09
N ARG B 44 -27.54 13.57 14.71
CA ARG B 44 -26.40 13.66 15.59
C ARG B 44 -25.19 14.17 14.81
N GLY B 45 -25.09 13.74 13.56
CA GLY B 45 -24.00 14.13 12.67
C GLY B 45 -24.13 15.56 12.13
N GLY B 46 -25.21 16.25 12.47
CA GLY B 46 -25.44 17.62 12.05
C GLY B 46 -26.20 17.81 10.75
N VAL B 47 -26.87 16.79 10.25
CA VAL B 47 -27.61 16.91 9.01
C VAL B 47 -28.92 17.59 9.24
N LYS B 48 -29.25 18.62 8.49
CA LYS B 48 -30.52 19.29 8.70
C LYS B 48 -31.67 18.75 7.87
N ARG B 49 -31.42 18.32 6.65
CA ARG B 49 -32.48 17.79 5.80
C ARG B 49 -32.04 16.54 5.10
N ILE B 50 -32.93 15.58 5.01
CA ILE B 50 -32.58 14.31 4.45
C ILE B 50 -33.38 13.90 3.23
N SER B 51 -32.71 13.61 2.12
CA SER B 51 -33.42 13.14 0.94
C SER B 51 -34.08 11.83 1.17
N GLY B 52 -35.17 11.61 0.47
CA GLY B 52 -35.97 10.40 0.61
C GLY B 52 -35.25 9.13 0.20
N LEU B 53 -34.16 9.25 -0.53
CA LEU B 53 -33.43 8.06 -0.92
C LEU B 53 -32.30 7.70 0.00
N ILE B 54 -32.05 8.52 1.01
CA ILE B 54 -30.99 8.27 1.95
C ILE B 54 -31.25 7.03 2.70
N TYR B 55 -32.48 6.78 3.04
CA TYR B 55 -32.78 5.64 3.85
C TYR B 55 -32.30 4.37 3.24
N GLU B 56 -32.47 4.19 1.95
CA GLU B 56 -32.01 2.96 1.37
C GLU B 56 -30.53 2.90 1.23
N GLU B 57 -29.92 4.02 0.92
CA GLU B 57 -28.50 4.01 0.74
C GLU B 57 -27.84 3.72 2.07
N THR B 58 -28.39 4.27 3.14
CA THR B 58 -27.84 4.11 4.45
C THR B 58 -27.89 2.66 4.85
N ARG B 59 -29.00 1.98 4.58
CA ARG B 59 -29.05 0.59 4.92
C ARG B 59 -28.02 -0.22 4.18
N GLY B 60 -27.81 0.07 2.91
CA GLY B 60 -26.80 -0.67 2.17
C GLY B 60 -25.41 -0.48 2.78
N VAL B 61 -25.12 0.74 3.23
CA VAL B 61 -23.85 1.01 3.85
C VAL B 61 -23.67 0.30 5.17
N LEU B 62 -24.68 0.32 6.00
CA LEU B 62 -24.58 -0.37 7.27
C LEU B 62 -24.35 -1.82 7.10
N LYS B 63 -25.07 -2.42 6.19
CA LYS B 63 -24.92 -3.83 6.01
C LYS B 63 -23.53 -4.20 5.59
N VAL B 64 -22.91 -3.44 4.71
CA VAL B 64 -21.57 -3.79 4.33
C VAL B 64 -20.62 -3.69 5.50
N PHE B 65 -20.73 -2.63 6.29
CA PHE B 65 -19.85 -2.51 7.43
C PHE B 65 -20.01 -3.72 8.33
N LEU B 66 -21.23 -4.11 8.66
CA LEU B 66 -21.40 -5.26 9.50
C LEU B 66 -20.89 -6.52 8.90
N GLU B 67 -21.07 -6.75 7.63
CA GLU B 67 -20.56 -7.99 7.14
C GLU B 67 -19.08 -8.09 7.29
N ASN B 68 -18.36 -7.01 7.05
CA ASN B 68 -16.92 -7.16 7.19
C ASN B 68 -16.49 -7.33 8.64
N VAL B 69 -17.14 -6.67 9.57
CA VAL B 69 -16.71 -6.83 10.96
C VAL B 69 -17.07 -8.20 11.46
N ILE B 70 -18.27 -8.67 11.15
CA ILE B 70 -18.72 -9.97 11.61
C ILE B 70 -17.88 -11.04 11.00
N ARG B 71 -17.60 -10.98 9.72
CA ARG B 71 -16.82 -12.04 9.14
C ARG B 71 -15.49 -12.22 9.83
N ASP B 72 -14.81 -11.13 10.21
CA ASP B 72 -13.55 -11.34 10.90
C ASP B 72 -13.82 -11.85 12.32
N ALA B 73 -14.84 -11.37 13.00
CA ALA B 73 -15.08 -11.86 14.34
C ALA B 73 -15.36 -13.34 14.32
N VAL B 74 -16.06 -13.81 13.30
CA VAL B 74 -16.33 -15.23 13.21
C VAL B 74 -15.04 -15.95 12.93
N THR B 75 -14.21 -15.45 12.05
CA THR B 75 -12.95 -16.11 11.74
C THR B 75 -12.11 -16.29 12.98
N TYR B 76 -12.00 -15.28 13.84
CA TYR B 76 -11.22 -15.47 15.04
C TYR B 76 -11.87 -16.52 15.94
N THR B 77 -13.19 -16.52 16.00
CA THR B 77 -13.97 -17.45 16.83
C THR B 77 -13.73 -18.88 16.36
N GLU B 78 -13.74 -19.12 15.05
CA GLU B 78 -13.51 -20.47 14.56
C GLU B 78 -12.12 -20.94 14.82
N HIS B 79 -11.15 -20.06 14.67
CA HIS B 79 -9.77 -20.43 14.86
C HIS B 79 -9.53 -21.02 16.21
N ALA B 80 -10.14 -20.39 17.20
CA ALA B 80 -10.05 -20.74 18.60
C ALA B 80 -10.93 -21.91 18.98
N LYS B 81 -11.69 -22.42 18.02
CA LYS B 81 -12.61 -23.53 18.15
C LYS B 81 -13.71 -23.32 19.14
N ARG B 82 -14.28 -22.14 19.12
CA ARG B 82 -15.40 -21.81 19.95
C ARG B 82 -16.60 -21.62 19.10
N LYS B 83 -17.77 -21.64 19.71
CA LYS B 83 -19.02 -21.46 18.99
C LYS B 83 -19.68 -20.16 19.40
N THR B 84 -19.04 -19.42 20.31
CA THR B 84 -19.63 -18.24 20.84
C THR B 84 -18.77 -17.09 20.47
N VAL B 85 -19.33 -16.08 19.87
CA VAL B 85 -18.56 -14.91 19.51
C VAL B 85 -18.46 -14.03 20.73
N THR B 86 -17.27 -13.65 21.12
CA THR B 86 -17.15 -12.80 22.29
C THR B 86 -16.78 -11.39 21.97
N ALA B 87 -16.77 -10.54 22.99
CA ALA B 87 -16.46 -9.15 22.79
C ALA B 87 -15.12 -8.98 22.23
N MET B 88 -14.19 -9.83 22.62
CA MET B 88 -12.84 -9.70 22.12
C MET B 88 -12.72 -10.05 20.68
N ASP B 89 -13.60 -10.83 20.12
CA ASP B 89 -13.43 -11.17 18.75
C ASP B 89 -13.91 -10.01 17.94
N VAL B 90 -14.90 -9.32 18.48
CA VAL B 90 -15.38 -8.14 17.82
C VAL B 90 -14.33 -7.06 17.93
N VAL B 91 -13.73 -6.90 19.09
CA VAL B 91 -12.72 -5.88 19.26
C VAL B 91 -11.53 -6.13 18.35
N TYR B 92 -11.06 -7.37 18.20
CA TYR B 92 -9.96 -7.53 17.27
C TYR B 92 -10.42 -7.31 15.85
N ALA B 93 -11.63 -7.71 15.51
CA ALA B 93 -12.10 -7.50 14.15
C ALA B 93 -12.10 -6.03 13.82
N LEU B 94 -12.48 -5.19 14.76
CA LEU B 94 -12.48 -3.76 14.53
C LEU B 94 -11.10 -3.14 14.56
N LYS B 95 -10.24 -3.59 15.47
CA LYS B 95 -8.89 -3.06 15.57
C LYS B 95 -8.16 -3.22 14.28
N ARG B 96 -8.38 -4.34 13.68
CA ARG B 96 -7.79 -4.71 12.45
C ARG B 96 -8.11 -3.82 11.28
N GLN B 97 -9.23 -3.16 11.33
CA GLN B 97 -9.67 -2.32 10.24
C GLN B 97 -9.31 -0.88 10.52
N GLY B 98 -8.55 -0.66 11.59
CA GLY B 98 -8.17 0.67 11.92
C GLY B 98 -9.16 1.35 12.81
N ARG B 99 -10.04 0.62 13.48
CA ARG B 99 -10.99 1.24 14.34
C ARG B 99 -10.90 0.73 15.73
N THR B 100 -9.98 1.27 16.48
CA THR B 100 -9.79 0.77 17.80
C THR B 100 -10.97 1.20 18.63
N LEU B 101 -11.55 0.27 19.36
CA LEU B 101 -12.69 0.54 20.23
C LEU B 101 -12.29 0.42 21.68
N TYR B 102 -12.56 1.44 22.47
CA TYR B 102 -12.24 1.43 23.89
C TYR B 102 -13.44 1.14 24.76
N GLY B 103 -13.20 0.44 25.87
CA GLY B 103 -14.23 0.16 26.87
C GLY B 103 -14.77 -1.27 26.93
N PHE B 104 -14.50 -2.10 25.92
CA PHE B 104 -14.96 -3.50 25.92
C PHE B 104 -13.81 -4.46 26.04
N GLY B 105 -12.67 -3.96 26.44
CA GLY B 105 -11.44 -4.74 26.48
C GLY B 105 -10.59 -4.19 25.33
N GLY B 106 -9.32 -4.60 25.22
CA GLY B 106 -8.49 -4.05 24.15
C GLY B 106 -7.09 -4.66 24.09
N GLY C 12 -2.72 -34.65 -3.50
CA GLY C 12 -1.89 -33.56 -3.99
C GLY C 12 -1.32 -33.89 -5.36
N LYS C 13 -0.11 -33.41 -5.59
CA LYS C 13 0.58 -33.62 -6.84
C LYS C 13 1.12 -35.05 -6.77
N ALA C 14 1.36 -35.69 -7.91
CA ALA C 14 1.74 -37.11 -7.88
C ALA C 14 3.00 -37.51 -7.11
N ARG C 15 4.07 -36.72 -7.14
CA ARG C 15 5.27 -37.18 -6.44
C ARG C 15 6.35 -36.14 -6.21
N ALA C 16 7.26 -36.48 -5.29
CA ALA C 16 8.51 -35.75 -5.09
C ALA C 16 9.52 -36.65 -4.38
N LYS C 17 10.73 -36.76 -4.93
CA LYS C 17 11.77 -37.59 -4.32
C LYS C 17 13.04 -36.86 -3.89
N ALA C 18 13.28 -35.69 -4.44
CA ALA C 18 14.51 -34.98 -4.16
C ALA C 18 14.54 -34.55 -2.71
N LYS C 19 15.75 -34.41 -2.19
CA LYS C 19 16.06 -34.06 -0.81
C LYS C 19 15.60 -32.73 -0.23
N THR C 20 15.44 -31.69 -1.01
CA THR C 20 15.12 -30.45 -0.32
C THR C 20 13.68 -30.42 0.09
N ARG C 21 13.36 -29.52 1.02
CA ARG C 21 11.96 -29.45 1.41
C ARG C 21 11.09 -28.88 0.33
N SER C 22 11.63 -27.98 -0.47
CA SER C 22 10.84 -27.38 -1.52
C SER C 22 10.47 -28.43 -2.51
N SER C 23 11.36 -29.39 -2.74
CA SER C 23 11.01 -30.43 -3.68
C SER C 23 9.91 -31.30 -3.13
N ARG C 24 9.97 -31.63 -1.86
CA ARG C 24 8.93 -32.49 -1.31
C ARG C 24 7.58 -31.85 -1.34
N ALA C 25 7.56 -30.57 -1.12
CA ALA C 25 6.32 -29.84 -1.06
C ALA C 25 5.79 -29.49 -2.45
N GLY C 26 6.57 -29.76 -3.51
CA GLY C 26 6.15 -29.40 -4.86
C GLY C 26 6.19 -27.91 -5.13
N LEU C 27 7.09 -27.18 -4.46
CA LEU C 27 7.19 -25.74 -4.56
C LEU C 27 8.41 -25.23 -5.29
N GLN C 28 8.34 -24.00 -5.78
CA GLN C 28 9.49 -23.35 -6.37
C GLN C 28 10.15 -22.47 -5.33
N PHE C 29 9.34 -21.93 -4.42
CA PHE C 29 9.86 -21.09 -3.35
C PHE C 29 10.60 -21.94 -2.35
N PRO C 30 11.60 -21.39 -1.66
CA PRO C 30 12.39 -22.08 -0.69
C PRO C 30 11.53 -22.33 0.49
N VAL C 31 11.79 -23.41 1.19
CA VAL C 31 11.08 -23.66 2.41
C VAL C 31 11.99 -23.40 3.57
N GLY C 32 13.23 -23.88 3.48
CA GLY C 32 14.15 -23.75 4.58
C GLY C 32 14.41 -22.29 4.91
N ARG C 33 14.44 -21.44 3.90
CA ARG C 33 14.64 -20.04 4.16
C ARG C 33 13.47 -19.43 4.86
N VAL C 34 12.28 -19.85 4.49
CA VAL C 34 11.11 -19.28 5.08
C VAL C 34 11.13 -19.66 6.53
N HIS C 35 11.51 -20.89 6.80
CA HIS C 35 11.57 -21.35 8.18
C HIS C 35 12.54 -20.46 8.94
N ARG C 36 13.70 -20.20 8.38
CA ARG C 36 14.64 -19.35 9.09
C ARG C 36 14.11 -17.98 9.38
N LEU C 37 13.42 -17.40 8.42
CA LEU C 37 12.89 -16.07 8.59
C LEU C 37 11.78 -16.05 9.61
N LEU C 38 11.03 -17.15 9.76
CA LEU C 38 10.00 -17.19 10.77
C LEU C 38 10.60 -17.37 12.15
N ARG C 39 11.72 -18.09 12.25
CA ARG C 39 12.32 -18.29 13.56
C ARG C 39 12.95 -17.06 14.09
N LYS C 40 13.47 -16.21 13.18
CA LYS C 40 14.28 -15.04 13.54
C LYS C 40 13.61 -13.83 14.18
N GLY C 41 12.77 -13.08 13.46
CA GLY C 41 12.38 -11.83 14.07
C GLY C 41 11.29 -11.86 15.13
N ASN C 42 11.43 -12.77 16.09
CA ASN C 42 10.50 -12.86 17.20
C ASN C 42 9.02 -12.95 16.88
N TYR C 43 8.63 -13.84 15.98
CA TYR C 43 7.21 -13.99 15.73
C TYR C 43 6.59 -14.89 16.79
N SER C 44 7.36 -15.85 17.24
CA SER C 44 6.94 -16.81 18.23
C SER C 44 8.15 -17.50 18.78
N GLU C 45 7.99 -18.20 19.88
CA GLU C 45 9.07 -19.03 20.36
C GLU C 45 9.31 -20.24 19.48
N ARG C 46 8.24 -20.79 18.93
CA ARG C 46 8.33 -21.98 18.11
C ARG C 46 7.67 -21.87 16.76
N VAL C 47 8.24 -22.54 15.78
CA VAL C 47 7.65 -22.61 14.46
C VAL C 47 7.43 -24.04 14.07
N GLY C 48 6.20 -24.39 13.75
CA GLY C 48 5.84 -25.75 13.42
C GLY C 48 6.35 -26.14 12.07
N ALA C 49 6.46 -27.43 11.85
CA ALA C 49 6.98 -27.96 10.59
C ALA C 49 6.19 -27.58 9.38
N GLY C 50 4.88 -27.49 9.49
CA GLY C 50 4.10 -27.16 8.33
C GLY C 50 3.97 -25.66 8.13
N ALA C 51 4.48 -24.86 9.06
CA ALA C 51 4.29 -23.45 8.90
C ALA C 51 5.03 -22.92 7.67
N PRO C 52 6.34 -23.16 7.46
CA PRO C 52 7.02 -22.67 6.31
C PRO C 52 6.58 -23.35 5.04
N VAL C 53 6.02 -24.54 5.12
CA VAL C 53 5.59 -25.15 3.90
C VAL C 53 4.34 -24.48 3.42
N TYR C 54 3.41 -24.28 4.32
CA TYR C 54 2.16 -23.68 3.97
C TYR C 54 2.42 -22.28 3.47
N LEU C 55 3.23 -21.53 4.20
CA LEU C 55 3.49 -20.16 3.82
C LEU C 55 4.24 -20.05 2.52
N ALA C 56 5.22 -20.90 2.26
CA ALA C 56 5.91 -20.77 1.00
C ALA C 56 4.95 -20.99 -0.14
N ALA C 57 4.01 -21.94 0.00
CA ALA C 57 3.05 -22.17 -1.06
C ALA C 57 2.17 -20.96 -1.32
N VAL C 58 1.79 -20.24 -0.28
CA VAL C 58 0.97 -19.06 -0.46
C VAL C 58 1.71 -17.97 -1.17
N LEU C 59 2.96 -17.73 -0.78
CA LEU C 59 3.72 -16.68 -1.43
C LEU C 59 3.91 -17.01 -2.88
N GLU C 60 4.11 -18.27 -3.20
CA GLU C 60 4.28 -18.66 -4.57
C GLU C 60 3.04 -18.41 -5.37
N TYR C 61 1.88 -18.75 -4.82
CA TYR C 61 0.65 -18.53 -5.52
C TYR C 61 0.44 -17.06 -5.86
N LEU C 62 0.62 -16.20 -4.88
CA LEU C 62 0.39 -14.80 -5.16
C LEU C 62 1.39 -14.24 -6.16
N THR C 63 2.62 -14.70 -6.08
CA THR C 63 3.65 -14.27 -7.00
C THR C 63 3.25 -14.65 -8.39
N ALA C 64 2.77 -15.87 -8.57
CA ALA C 64 2.39 -16.28 -9.88
C ALA C 64 1.28 -15.44 -10.44
N GLU C 65 0.30 -15.02 -9.64
CA GLU C 65 -0.77 -14.23 -10.22
C GLU C 65 -0.33 -12.89 -10.73
N ILE C 66 0.53 -12.23 -10.01
CA ILE C 66 0.95 -10.95 -10.50
C ILE C 66 1.73 -11.11 -11.75
N LEU C 67 2.63 -12.07 -11.79
CA LEU C 67 3.42 -12.24 -12.98
C LEU C 67 2.57 -12.62 -14.14
N GLU C 68 1.56 -13.42 -13.95
CA GLU C 68 0.76 -13.78 -15.10
C GLU C 68 0.06 -12.60 -15.67
N LEU C 69 -0.52 -11.78 -14.82
CA LEU C 69 -1.25 -10.65 -15.32
C LEU C 69 -0.31 -9.63 -15.94
N ALA C 70 0.86 -9.43 -15.35
CA ALA C 70 1.80 -8.49 -15.91
C ALA C 70 2.30 -8.96 -17.25
N GLY C 71 2.50 -10.26 -17.40
CA GLY C 71 2.94 -10.78 -18.67
C GLY C 71 1.88 -10.54 -19.73
N ASN C 72 0.60 -10.65 -19.37
CA ASN C 72 -0.42 -10.39 -20.35
C ASN C 72 -0.40 -8.92 -20.74
N ALA C 73 -0.14 -8.04 -19.77
CA ALA C 73 -0.06 -6.64 -20.11
C ALA C 73 1.08 -6.41 -21.08
N ALA C 74 2.20 -7.10 -20.89
CA ALA C 74 3.30 -6.91 -21.79
C ALA C 74 2.92 -7.33 -23.18
N ARG C 75 2.17 -8.41 -23.33
CA ARG C 75 1.79 -8.79 -24.68
C ARG C 75 0.84 -7.78 -25.29
N ASP C 76 -0.04 -7.18 -24.51
CA ASP C 76 -0.95 -6.19 -25.08
C ASP C 76 -0.19 -5.01 -25.65
N ASN C 77 0.96 -4.69 -25.07
CA ASN C 77 1.79 -3.60 -25.58
C ASN C 77 2.81 -4.10 -26.58
N LYS C 78 2.70 -5.37 -26.95
CA LYS C 78 3.56 -6.08 -27.88
C LYS C 78 5.03 -6.09 -27.48
N LYS C 79 5.27 -6.29 -26.21
CA LYS C 79 6.60 -6.38 -25.67
C LYS C 79 6.83 -7.74 -25.09
N THR C 80 8.07 -8.12 -24.90
CA THR C 80 8.41 -9.42 -24.34
C THR C 80 8.99 -9.31 -22.97
N ARG C 81 8.79 -8.17 -22.34
CA ARG C 81 9.35 -7.96 -21.04
C ARG C 81 8.43 -7.27 -20.05
N ILE C 82 8.53 -7.66 -18.80
CA ILE C 82 7.82 -7.00 -17.73
C ILE C 82 8.63 -5.85 -17.18
N ILE C 83 8.00 -4.70 -17.09
CA ILE C 83 8.59 -3.48 -16.56
C ILE C 83 7.62 -3.01 -15.48
N PRO C 84 7.97 -2.09 -14.57
CA PRO C 84 7.12 -1.57 -13.51
C PRO C 84 5.76 -1.15 -13.98
N ARG C 85 5.66 -0.65 -15.19
CA ARG C 85 4.36 -0.25 -15.65
C ARG C 85 3.43 -1.42 -15.81
N HIS C 86 3.95 -2.55 -16.23
CA HIS C 86 3.10 -3.69 -16.50
C HIS C 86 2.65 -4.24 -15.18
N LEU C 87 3.48 -4.12 -14.17
CA LEU C 87 3.05 -4.59 -12.86
C LEU C 87 1.93 -3.71 -12.35
N GLN C 88 2.02 -2.40 -12.56
CA GLN C 88 0.96 -1.50 -12.10
C GLN C 88 -0.35 -1.74 -12.79
N LEU C 89 -0.32 -2.00 -14.08
CA LEU C 89 -1.56 -2.22 -14.75
C LEU C 89 -2.15 -3.53 -14.33
N ALA C 90 -1.30 -4.54 -14.15
CA ALA C 90 -1.80 -5.83 -13.74
C ALA C 90 -2.54 -5.78 -12.45
N ILE C 91 -2.03 -5.00 -11.52
CA ILE C 91 -2.64 -4.86 -10.24
C ILE C 91 -3.89 -4.03 -10.29
N ARG C 92 -3.86 -2.89 -10.94
CA ARG C 92 -5.02 -2.05 -10.85
C ARG C 92 -6.20 -2.49 -11.68
N ASN C 93 -6.01 -3.38 -12.63
CA ASN C 93 -7.12 -3.88 -13.41
C ASN C 93 -7.65 -5.21 -12.87
N ASP C 94 -7.26 -5.57 -11.65
CA ASP C 94 -7.69 -6.80 -10.99
C ASP C 94 -8.17 -6.46 -9.59
N GLU C 95 -9.43 -6.70 -9.30
CA GLU C 95 -9.98 -6.24 -8.03
C GLU C 95 -9.38 -6.84 -6.80
N GLU C 96 -9.08 -8.11 -6.78
CA GLU C 96 -8.54 -8.61 -5.57
C GLU C 96 -7.16 -8.07 -5.33
N LEU C 97 -6.33 -8.00 -6.36
CA LEU C 97 -5.01 -7.47 -6.10
C LEU C 97 -5.12 -6.01 -5.77
N ASN C 98 -6.01 -5.28 -6.42
CA ASN C 98 -6.12 -3.88 -6.14
C ASN C 98 -6.44 -3.64 -4.68
N LYS C 99 -7.22 -4.51 -4.06
CA LYS C 99 -7.49 -4.29 -2.65
C LYS C 99 -6.29 -4.63 -1.80
N LEU C 100 -5.64 -5.74 -2.12
CA LEU C 100 -4.52 -6.23 -1.34
C LEU C 100 -3.38 -5.24 -1.33
N LEU C 101 -3.17 -4.62 -2.48
CA LEU C 101 -2.12 -3.68 -2.72
C LEU C 101 -2.65 -2.27 -2.88
N GLY C 102 -3.81 -1.99 -2.34
CA GLY C 102 -4.46 -0.70 -2.52
C GLY C 102 -3.67 0.51 -2.04
N ARG C 103 -2.83 0.35 -1.03
CA ARG C 103 -2.07 1.47 -0.52
C ARG C 103 -0.67 1.53 -1.06
N VAL C 104 -0.32 0.63 -1.94
CA VAL C 104 1.04 0.56 -2.42
C VAL C 104 1.38 1.45 -3.57
N THR C 105 2.47 2.17 -3.40
CA THR C 105 2.99 3.02 -4.43
C THR C 105 4.05 2.23 -5.14
N ILE C 106 3.92 2.09 -6.43
CA ILE C 106 4.92 1.35 -7.17
C ILE C 106 5.77 2.33 -7.90
N ALA C 107 7.05 2.34 -7.56
CA ALA C 107 7.91 3.31 -8.16
C ALA C 107 7.90 3.14 -9.64
N GLN C 108 7.75 4.24 -10.36
CA GLN C 108 7.74 4.27 -11.82
C GLN C 108 6.61 3.47 -12.43
N GLY C 109 5.57 3.21 -11.65
CA GLY C 109 4.44 2.46 -12.14
C GLY C 109 3.49 3.24 -13.03
N GLY C 110 3.44 4.55 -12.89
CA GLY C 110 2.49 5.32 -13.67
C GLY C 110 1.09 5.23 -13.08
N VAL C 111 0.11 5.68 -13.87
CA VAL C 111 -1.30 5.72 -13.48
C VAL C 111 -2.13 5.10 -14.57
N LEU C 112 -3.39 4.82 -14.29
CA LEU C 112 -4.25 4.30 -15.33
C LEU C 112 -4.91 5.44 -16.09
N PRO C 113 -5.19 5.28 -17.39
CA PRO C 113 -5.74 6.28 -18.29
C PRO C 113 -7.22 6.55 -18.11
N ASN C 114 -7.56 7.09 -16.96
CA ASN C 114 -8.93 7.43 -16.62
C ASN C 114 -9.27 8.89 -16.86
N ILE C 115 -10.04 9.15 -17.91
CA ILE C 115 -10.43 10.52 -18.24
C ILE C 115 -11.92 10.64 -18.02
N GLN C 116 -12.33 11.58 -17.20
CA GLN C 116 -13.77 11.73 -16.96
C GLN C 116 -14.47 12.21 -18.22
N ALA C 117 -15.59 11.58 -18.55
CA ALA C 117 -16.35 11.90 -19.76
C ALA C 117 -16.85 13.33 -19.82
N VAL C 118 -17.04 13.92 -18.67
CA VAL C 118 -17.58 15.28 -18.56
C VAL C 118 -16.59 16.31 -19.07
N LEU C 119 -15.35 15.90 -19.28
CA LEU C 119 -14.32 16.78 -19.74
C LEU C 119 -14.19 16.77 -21.25
N LEU C 120 -14.90 15.86 -21.91
CA LEU C 120 -14.78 15.73 -23.35
C LEU C 120 -15.74 16.69 -24.05
N SER D 36 30.17 -9.67 2.39
CA SER D 36 28.99 -8.89 2.04
C SER D 36 28.03 -9.70 1.19
N ARG D 37 26.91 -10.11 1.79
CA ARG D 37 25.92 -10.93 1.04
C ARG D 37 24.49 -10.49 1.39
N LYS D 38 23.66 -10.24 0.38
CA LYS D 38 22.27 -9.85 0.61
C LYS D 38 21.34 -10.80 -0.14
N GLU D 39 20.37 -11.35 0.57
CA GLU D 39 19.44 -12.31 -0.01
C GLU D 39 18.18 -11.66 -0.54
N SER D 40 17.56 -12.32 -1.53
CA SER D 40 16.33 -11.87 -2.12
C SER D 40 15.68 -13.07 -2.75
N TYR D 41 14.51 -12.87 -3.30
CA TYR D 41 13.76 -13.91 -3.94
C TYR D 41 13.86 -13.83 -5.44
N SER D 42 14.81 -13.08 -5.96
CA SER D 42 14.89 -12.87 -7.39
C SER D 42 14.96 -14.16 -8.17
N ILE D 43 15.67 -15.14 -7.66
CA ILE D 43 15.79 -16.38 -8.38
C ILE D 43 14.49 -17.17 -8.44
N TYR D 44 13.63 -17.06 -7.43
CA TYR D 44 12.43 -17.86 -7.41
C TYR D 44 11.37 -17.19 -8.21
N VAL D 45 11.40 -15.87 -8.23
CA VAL D 45 10.44 -15.12 -8.99
C VAL D 45 10.66 -15.44 -10.43
N TYR D 46 11.92 -15.47 -10.84
CA TYR D 46 12.24 -15.80 -12.19
C TYR D 46 11.71 -17.17 -12.59
N LYS D 47 11.90 -18.13 -11.69
CA LYS D 47 11.49 -19.50 -11.92
C LYS D 47 9.98 -19.60 -12.11
N VAL D 48 9.20 -18.81 -11.36
CA VAL D 48 7.78 -18.81 -11.52
C VAL D 48 7.43 -18.17 -12.85
N LEU D 49 8.07 -17.06 -13.19
CA LEU D 49 7.72 -16.38 -14.43
C LEU D 49 7.87 -17.29 -15.59
N LYS D 50 8.91 -18.13 -15.55
CA LYS D 50 9.16 -19.11 -16.60
C LYS D 50 7.99 -20.05 -16.78
N GLN D 51 7.34 -20.48 -15.71
CA GLN D 51 6.30 -21.46 -15.90
C GLN D 51 5.04 -20.81 -16.38
N VAL D 52 4.84 -19.58 -15.97
CA VAL D 52 3.63 -18.86 -16.30
C VAL D 52 3.69 -18.33 -17.75
N HIS D 53 4.80 -17.69 -18.09
CA HIS D 53 5.09 -17.11 -19.39
C HIS D 53 6.48 -17.46 -19.89
N PRO D 54 6.68 -18.60 -20.52
CA PRO D 54 7.94 -19.13 -20.95
C PRO D 54 8.79 -18.22 -21.83
N ASP D 55 8.18 -17.28 -22.56
CA ASP D 55 8.95 -16.41 -23.41
C ASP D 55 9.02 -14.96 -22.96
N THR D 56 8.69 -14.69 -21.70
CA THR D 56 8.71 -13.33 -21.21
C THR D 56 9.83 -13.10 -20.22
N GLY D 57 10.56 -12.02 -20.39
CA GLY D 57 11.62 -11.71 -19.44
C GLY D 57 11.15 -10.66 -18.45
N ILE D 58 12.04 -10.27 -17.57
CA ILE D 58 11.67 -9.26 -16.59
C ILE D 58 12.80 -8.28 -16.36
N SER D 59 12.51 -7.00 -16.28
CA SER D 59 13.56 -6.00 -16.07
C SER D 59 14.05 -6.04 -14.65
N SER D 60 15.20 -5.42 -14.40
CA SER D 60 15.71 -5.41 -13.05
C SER D 60 14.88 -4.55 -12.13
N LYS D 61 14.24 -3.56 -12.66
CA LYS D 61 13.41 -2.74 -11.82
C LYS D 61 12.15 -3.49 -11.47
N ALA D 62 11.62 -4.23 -12.43
CA ALA D 62 10.44 -5.00 -12.15
C ALA D 62 10.77 -6.04 -11.11
N MET D 63 11.97 -6.59 -11.17
CA MET D 63 12.33 -7.58 -10.19
C MET D 63 12.45 -6.96 -8.82
N GLY D 64 12.96 -5.73 -8.73
CA GLY D 64 13.06 -5.08 -7.45
C GLY D 64 11.68 -4.93 -6.82
N ILE D 65 10.69 -4.66 -7.64
CA ILE D 65 9.33 -4.54 -7.16
C ILE D 65 8.82 -5.88 -6.71
N MET D 66 9.06 -6.93 -7.46
CA MET D 66 8.60 -8.24 -7.04
C MET D 66 9.24 -8.64 -5.72
N ASN D 67 10.48 -8.28 -5.48
CA ASN D 67 11.08 -8.64 -4.22
C ASN D 67 10.42 -7.89 -3.08
N SER D 68 10.07 -6.62 -3.27
CA SER D 68 9.42 -5.91 -2.20
C SER D 68 8.05 -6.49 -1.95
N PHE D 69 7.37 -6.90 -3.00
CA PHE D 69 6.07 -7.52 -2.85
C PHE D 69 6.13 -8.74 -2.00
N VAL D 70 7.07 -9.63 -2.28
CA VAL D 70 7.14 -10.84 -1.51
C VAL D 70 7.47 -10.53 -0.08
N ASN D 71 8.40 -9.63 0.18
CA ASN D 71 8.72 -9.35 1.55
C ASN D 71 7.56 -8.75 2.30
N ASP D 72 6.76 -7.92 1.66
CA ASP D 72 5.65 -7.30 2.33
C ASP D 72 4.56 -8.31 2.65
N ILE D 73 4.27 -9.21 1.73
CA ILE D 73 3.25 -10.20 2.02
C ILE D 73 3.74 -11.10 3.14
N PHE D 74 4.99 -11.51 3.08
CA PHE D 74 5.52 -12.36 4.11
C PHE D 74 5.35 -11.73 5.46
N GLU D 75 5.73 -10.48 5.62
CA GLU D 75 5.58 -9.91 6.93
C GLU D 75 4.16 -9.78 7.36
N ARG D 76 3.24 -9.46 6.47
CA ARG D 76 1.89 -9.33 6.95
C ARG D 76 1.34 -10.64 7.43
N ILE D 77 1.61 -11.74 6.71
CA ILE D 77 1.07 -13.00 7.13
C ILE D 77 1.73 -13.45 8.38
N ALA D 78 3.04 -13.36 8.44
CA ALA D 78 3.73 -13.78 9.64
C ALA D 78 3.31 -12.94 10.82
N GLY D 79 3.08 -11.65 10.61
CA GLY D 79 2.68 -10.76 11.68
C GLY D 79 1.33 -11.14 12.23
N GLU D 80 0.37 -11.41 11.38
CA GLU D 80 -0.94 -11.79 11.88
C GLU D 80 -0.88 -13.15 12.53
N ALA D 81 -0.13 -14.08 11.96
CA ALA D 81 -0.06 -15.38 12.57
C ALA D 81 0.51 -15.28 13.96
N SER D 82 1.48 -14.39 14.16
CA SER D 82 2.03 -14.19 15.48
C SER D 82 0.99 -13.71 16.43
N ARG D 83 0.19 -12.75 16.00
CA ARG D 83 -0.86 -12.22 16.84
C ARG D 83 -1.87 -13.28 17.21
N LEU D 84 -2.25 -14.15 16.28
CA LEU D 84 -3.21 -15.18 16.62
C LEU D 84 -2.63 -16.11 17.66
N ALA D 85 -1.35 -16.46 17.55
CA ALA D 85 -0.79 -17.33 18.54
C ALA D 85 -0.81 -16.65 19.88
N HIS D 86 -0.54 -15.36 19.92
CA HIS D 86 -0.55 -14.66 21.19
C HIS D 86 -1.94 -14.65 21.79
N TYR D 87 -2.94 -14.30 20.98
CA TYR D 87 -4.32 -14.22 21.44
C TYR D 87 -4.81 -15.50 22.05
N ASN D 88 -4.45 -16.62 21.45
CA ASN D 88 -4.92 -17.90 21.93
C ASN D 88 -3.95 -18.55 22.91
N LYS D 89 -2.97 -17.77 23.34
CA LYS D 89 -2.02 -18.14 24.38
C LYS D 89 -1.20 -19.37 23.97
N ARG D 90 -0.67 -19.37 22.74
CA ARG D 90 0.16 -20.44 22.27
C ARG D 90 1.53 -19.91 21.98
N SER D 91 2.50 -20.79 21.97
CA SER D 91 3.87 -20.38 21.70
C SER D 91 4.30 -20.81 20.32
N THR D 92 3.42 -21.48 19.60
CA THR D 92 3.81 -22.06 18.34
C THR D 92 2.98 -21.58 17.18
N ILE D 93 3.64 -21.25 16.10
CA ILE D 93 2.95 -20.93 14.86
C ILE D 93 2.88 -22.19 14.05
N THR D 94 1.71 -22.59 13.67
CA THR D 94 1.54 -23.81 12.93
C THR D 94 0.85 -23.49 11.64
N SER D 95 0.59 -24.49 10.84
CA SER D 95 -0.08 -24.25 9.58
C SER D 95 -1.49 -23.75 9.81
N ARG D 96 -2.06 -23.94 10.99
CA ARG D 96 -3.40 -23.48 11.20
C ARG D 96 -3.41 -21.97 11.35
N GLU D 97 -2.44 -21.38 12.05
CA GLU D 97 -2.41 -19.94 12.15
C GLU D 97 -2.09 -19.34 10.83
N ILE D 98 -1.24 -19.98 10.06
CA ILE D 98 -0.94 -19.37 8.79
C ILE D 98 -2.22 -19.36 7.99
N GLN D 99 -2.97 -20.45 7.99
CA GLN D 99 -4.21 -20.46 7.23
C GLN D 99 -5.20 -19.41 7.66
N THR D 100 -5.36 -19.24 8.96
CA THR D 100 -6.27 -18.23 9.43
C THR D 100 -5.77 -16.86 9.03
N ALA D 101 -4.46 -16.62 9.14
CA ALA D 101 -3.92 -15.34 8.77
C ALA D 101 -4.16 -15.06 7.30
N VAL D 102 -4.06 -16.07 6.45
CA VAL D 102 -4.32 -15.89 5.03
C VAL D 102 -5.75 -15.49 4.80
N ARG D 103 -6.69 -16.15 5.46
CA ARG D 103 -8.06 -15.75 5.26
C ARG D 103 -8.36 -14.36 5.72
N LEU D 104 -7.77 -13.94 6.81
CA LEU D 104 -8.03 -12.60 7.27
C LEU D 104 -7.43 -11.55 6.34
N LEU D 105 -6.24 -11.79 5.81
CA LEU D 105 -5.59 -10.82 4.95
C LEU D 105 -5.94 -10.81 3.47
N LEU D 106 -6.19 -11.95 2.84
CA LEU D 106 -6.44 -11.88 1.42
C LEU D 106 -7.93 -11.79 1.18
N PRO D 107 -8.39 -11.02 0.20
CA PRO D 107 -9.78 -10.91 -0.20
C PRO D 107 -10.33 -12.00 -1.09
N GLY D 108 -11.62 -12.23 -0.98
CA GLY D 108 -12.37 -12.98 -1.97
C GLY D 108 -11.85 -14.35 -2.30
N GLU D 109 -11.75 -14.56 -3.59
CA GLU D 109 -11.30 -15.79 -4.18
C GLU D 109 -9.80 -15.88 -4.15
N LEU D 110 -9.14 -14.79 -3.84
CA LEU D 110 -7.71 -14.85 -3.88
C LEU D 110 -7.37 -15.66 -2.65
N ALA D 111 -8.09 -15.36 -1.56
CA ALA D 111 -7.89 -16.08 -0.33
C ALA D 111 -8.23 -17.53 -0.47
N LYS D 112 -9.30 -17.83 -1.17
CA LYS D 112 -9.66 -19.21 -1.31
C LYS D 112 -8.66 -20.02 -2.07
N HIS D 113 -8.15 -19.48 -3.15
CA HIS D 113 -7.23 -20.28 -3.90
C HIS D 113 -5.93 -20.42 -3.13
N ALA D 114 -5.52 -19.40 -2.39
CA ALA D 114 -4.31 -19.49 -1.62
C ALA D 114 -4.43 -20.58 -0.57
N VAL D 115 -5.60 -20.68 0.04
CA VAL D 115 -5.81 -21.70 1.05
C VAL D 115 -5.72 -23.07 0.46
N SER D 116 -6.30 -23.27 -0.71
CA SER D 116 -6.20 -24.57 -1.32
C SER D 116 -4.77 -24.95 -1.61
N GLU D 117 -3.96 -24.02 -2.14
CA GLU D 117 -2.58 -24.38 -2.47
C GLU D 117 -1.77 -24.69 -1.25
N GLY D 118 -1.99 -23.95 -0.18
CA GLY D 118 -1.26 -24.20 1.03
C GLY D 118 -1.60 -25.57 1.58
N THR D 119 -2.88 -25.89 1.59
CA THR D 119 -3.34 -27.14 2.13
C THR D 119 -2.74 -28.28 1.36
N LYS D 120 -2.73 -28.16 0.06
CA LYS D 120 -2.19 -29.20 -0.76
C LYS D 120 -0.71 -29.39 -0.56
N ALA D 121 0.07 -28.30 -0.47
CA ALA D 121 1.50 -28.44 -0.30
C ALA D 121 1.82 -29.13 1.00
N VAL D 122 1.08 -28.83 2.06
CA VAL D 122 1.35 -29.47 3.32
C VAL D 122 1.01 -30.93 3.23
N THR D 123 -0.11 -31.26 2.60
CA THR D 123 -0.50 -32.64 2.49
C THR D 123 0.56 -33.43 1.76
N LYS D 124 1.06 -32.90 0.65
CA LYS D 124 2.07 -33.63 -0.08
C LYS D 124 3.34 -33.78 0.70
N TYR D 125 3.72 -32.73 1.39
CA TYR D 125 4.92 -32.74 2.18
C TYR D 125 4.94 -33.82 3.23
N THR D 126 3.85 -33.97 3.98
CA THR D 126 3.85 -34.96 5.05
C THR D 126 3.55 -36.36 4.57
N SER D 127 2.93 -36.49 3.39
CA SER D 127 2.63 -37.80 2.82
C SER D 127 3.90 -38.53 2.43
N ALA D 128 3.83 -39.85 2.40
CA ALA D 128 4.98 -40.65 2.00
C ALA D 128 5.23 -40.50 0.51
N HIS E 43 -4.10 28.74 -38.03
CA HIS E 43 -4.96 27.71 -37.46
C HIS E 43 -4.83 27.64 -35.95
N ARG E 44 -5.96 27.45 -35.28
CA ARG E 44 -5.99 27.33 -33.82
C ARG E 44 -6.91 26.19 -33.38
N TYR E 45 -6.62 25.66 -32.20
CA TYR E 45 -7.47 24.67 -31.59
C TYR E 45 -8.33 25.36 -30.56
N ARG E 46 -9.55 24.88 -30.39
CA ARG E 46 -10.42 25.45 -29.39
C ARG E 46 -9.93 25.06 -28.00
N PRO E 47 -10.10 25.90 -26.96
CA PRO E 47 -9.71 25.63 -25.60
C PRO E 47 -10.27 24.32 -25.12
N GLY E 48 -9.41 23.55 -24.47
CA GLY E 48 -9.72 22.23 -23.96
C GLY E 48 -9.17 21.14 -24.87
N THR E 49 -8.87 21.47 -26.13
CA THR E 49 -8.35 20.46 -27.02
C THR E 49 -7.00 19.99 -26.55
N VAL E 50 -6.18 20.96 -26.20
CA VAL E 50 -4.85 20.67 -25.76
C VAL E 50 -4.87 20.03 -24.40
N ALA E 51 -5.73 20.48 -23.52
CA ALA E 51 -5.77 19.91 -22.20
C ALA E 51 -6.07 18.44 -22.28
N LEU E 52 -6.95 18.02 -23.17
CA LEU E 52 -7.20 16.60 -23.27
C LEU E 52 -6.02 15.87 -23.82
N ARG E 53 -5.29 16.47 -24.76
CA ARG E 53 -4.11 15.77 -25.24
C ARG E 53 -3.11 15.59 -24.13
N GLU E 54 -2.94 16.61 -23.29
CA GLU E 54 -2.01 16.48 -22.20
C GLU E 54 -2.47 15.45 -21.21
N ILE E 55 -3.76 15.36 -20.95
CA ILE E 55 -4.17 14.37 -19.99
C ILE E 55 -3.80 13.01 -20.51
N ARG E 56 -4.05 12.70 -21.78
CA ARG E 56 -3.65 11.38 -22.23
C ARG E 56 -2.16 11.18 -22.20
N ARG E 57 -1.40 12.19 -22.56
CA ARG E 57 0.03 12.07 -22.59
C ARG E 57 0.64 11.81 -21.24
N TYR E 58 0.18 12.52 -20.23
CA TYR E 58 0.75 12.32 -18.92
C TYR E 58 0.23 11.07 -18.30
N GLN E 59 -0.98 10.66 -18.60
CA GLN E 59 -1.40 9.43 -18.03
C GLN E 59 -0.61 8.27 -18.61
N LYS E 60 -0.26 8.31 -19.89
CA LYS E 60 0.53 7.23 -20.46
C LYS E 60 1.97 7.14 -19.98
N SER E 61 2.66 8.25 -19.79
CA SER E 61 4.06 8.15 -19.41
C SER E 61 4.27 7.85 -17.92
N THR E 62 5.50 7.46 -17.56
CA THR E 62 5.87 7.13 -16.18
C THR E 62 6.93 8.01 -15.50
N GLU E 63 7.52 8.95 -16.22
CA GLU E 63 8.58 9.77 -15.66
C GLU E 63 8.09 10.74 -14.62
N LEU E 64 9.01 11.21 -13.81
CA LEU E 64 8.73 12.21 -12.80
C LEU E 64 8.47 13.54 -13.46
N LEU E 65 7.59 14.33 -12.85
CA LEU E 65 7.20 15.61 -13.40
C LEU E 65 7.87 16.79 -12.74
N ILE E 66 8.25 16.64 -11.48
CA ILE E 66 8.91 17.73 -10.77
C ILE E 66 10.40 17.69 -11.12
N ARG E 67 10.98 18.82 -11.49
CA ARG E 67 12.39 18.83 -11.85
C ARG E 67 13.24 18.47 -10.64
N LYS E 68 14.28 17.69 -10.87
CA LYS E 68 15.08 17.18 -9.79
C LYS E 68 15.92 18.11 -8.97
N LEU E 69 16.66 19.03 -9.57
CA LEU E 69 17.42 19.83 -8.63
C LEU E 69 16.61 20.68 -7.68
N PRO E 70 15.56 21.41 -8.05
CA PRO E 70 14.81 22.17 -7.10
C PRO E 70 14.07 21.28 -6.13
N PHE E 71 13.75 20.05 -6.53
CA PHE E 71 13.12 19.20 -5.55
C PHE E 71 14.13 18.88 -4.51
N GLN E 72 15.33 18.54 -4.94
CA GLN E 72 16.37 18.19 -4.02
C GLN E 72 16.70 19.31 -3.07
N ARG E 73 16.73 20.54 -3.53
CA ARG E 73 17.02 21.59 -2.59
C ARG E 73 15.92 21.75 -1.60
N LEU E 74 14.67 21.58 -2.01
CA LEU E 74 13.59 21.69 -1.06
C LEU E 74 13.74 20.67 0.04
N VAL E 75 14.13 19.45 -0.31
CA VAL E 75 14.31 18.44 0.70
C VAL E 75 15.37 18.86 1.68
N ARG E 76 16.48 19.37 1.20
CA ARG E 76 17.51 19.78 2.11
C ARG E 76 17.14 20.94 2.98
N GLU E 77 16.42 21.91 2.45
CA GLU E 77 16.03 23.05 3.24
C GLU E 77 15.23 22.59 4.45
N ILE E 78 14.30 21.69 4.21
CA ILE E 78 13.48 21.19 5.28
C ILE E 78 14.31 20.42 6.28
N ALA E 79 15.18 19.58 5.78
CA ALA E 79 15.99 18.79 6.65
C ALA E 79 16.85 19.63 7.56
N GLN E 80 17.34 20.79 7.09
CA GLN E 80 18.19 21.64 7.93
C GLN E 80 17.47 22.14 9.14
N ASP E 81 16.19 22.41 9.00
CA ASP E 81 15.48 22.88 10.18
C ASP E 81 15.44 21.80 11.26
N PHE E 82 15.40 20.54 10.86
CA PHE E 82 15.37 19.50 11.88
C PHE E 82 16.74 19.24 12.46
N LYS E 83 17.73 19.10 11.59
CA LYS E 83 19.09 18.87 12.04
C LYS E 83 20.09 19.39 11.02
N THR E 84 21.17 20.00 11.47
CA THR E 84 22.14 20.49 10.54
C THR E 84 23.10 19.42 10.09
N ASP E 85 23.80 19.73 9.02
CA ASP E 85 24.85 18.89 8.47
C ASP E 85 24.45 17.46 8.15
N LEU E 86 23.27 17.27 7.59
CA LEU E 86 22.87 15.95 7.17
C LEU E 86 23.22 15.76 5.74
N ARG E 87 23.41 14.53 5.38
CA ARG E 87 23.67 14.14 4.03
C ARG E 87 22.58 13.25 3.56
N PHE E 88 22.38 13.17 2.28
CA PHE E 88 21.38 12.27 1.77
C PHE E 88 21.91 11.38 0.71
N GLN E 89 21.49 10.15 0.71
CA GLN E 89 21.85 9.33 -0.41
C GLN E 89 21.02 9.75 -1.57
N SER E 90 21.52 9.58 -2.79
CA SER E 90 20.72 9.94 -3.95
C SER E 90 19.46 9.12 -4.03
N SER E 91 19.50 7.92 -3.47
CA SER E 91 18.33 7.08 -3.47
C SER E 91 17.30 7.58 -2.47
N ALA E 92 17.72 8.30 -1.43
CA ALA E 92 16.77 8.79 -0.46
C ALA E 92 15.99 9.89 -1.09
N VAL E 93 16.67 10.71 -1.87
CA VAL E 93 16.00 11.81 -2.49
C VAL E 93 15.04 11.28 -3.53
N MET E 94 15.46 10.29 -4.31
CA MET E 94 14.54 9.76 -5.29
C MET E 94 13.33 9.14 -4.64
N ALA E 95 13.50 8.44 -3.51
CA ALA E 95 12.35 7.85 -2.86
C ALA E 95 11.39 8.91 -2.40
N LEU E 96 11.90 10.02 -1.89
CA LEU E 96 10.98 11.06 -1.46
C LEU E 96 10.27 11.64 -2.61
N GLN E 97 10.95 11.83 -3.73
CA GLN E 97 10.26 12.44 -4.84
C GLN E 97 9.19 11.56 -5.41
N GLU E 98 9.46 10.28 -5.49
CA GLU E 98 8.47 9.38 -6.05
C GLU E 98 7.23 9.40 -5.18
N ALA E 99 7.43 9.36 -3.86
CA ALA E 99 6.30 9.36 -2.96
C ALA E 99 5.54 10.66 -3.01
N CYS E 100 6.23 11.79 -3.13
CA CYS E 100 5.55 13.07 -3.18
C CYS E 100 4.70 13.21 -4.37
N GLU E 101 5.18 12.78 -5.52
CA GLU E 101 4.33 12.92 -6.66
C GLU E 101 3.14 12.00 -6.54
N ALA E 102 3.34 10.78 -6.07
CA ALA E 102 2.20 9.91 -5.98
C ALA E 102 1.14 10.52 -5.10
N TYR E 103 1.55 11.18 -4.04
CA TYR E 103 0.63 11.83 -3.16
C TYR E 103 -0.13 12.92 -3.84
N LEU E 104 0.57 13.82 -4.51
CA LEU E 104 -0.10 14.93 -5.16
C LEU E 104 -0.97 14.46 -6.29
N VAL E 105 -0.60 13.45 -7.02
CA VAL E 105 -1.46 13.02 -8.08
C VAL E 105 -2.74 12.48 -7.50
N GLY E 106 -2.65 11.67 -6.45
CA GLY E 106 -3.86 11.15 -5.84
C GLY E 106 -4.73 12.26 -5.29
N LEU E 107 -4.11 13.31 -4.77
CA LEU E 107 -4.89 14.41 -4.26
C LEU E 107 -5.62 15.08 -5.38
N PHE E 108 -4.99 15.26 -6.53
CA PHE E 108 -5.69 15.90 -7.61
C PHE E 108 -6.83 15.06 -8.12
N GLU E 109 -6.72 13.74 -8.11
CA GLU E 109 -7.87 12.97 -8.56
C GLU E 109 -9.07 13.21 -7.65
N ASP E 110 -8.85 13.27 -6.34
CA ASP E 110 -9.96 13.48 -5.43
C ASP E 110 -10.45 14.92 -5.45
N THR E 111 -9.55 15.84 -5.71
CA THR E 111 -9.91 17.21 -5.81
C THR E 111 -10.83 17.37 -7.00
N ASN E 112 -10.50 16.70 -8.09
CA ASN E 112 -11.30 16.78 -9.30
C ASN E 112 -12.70 16.25 -9.06
N LEU E 113 -12.84 15.19 -8.27
CA LEU E 113 -14.18 14.66 -8.03
C LEU E 113 -15.01 15.65 -7.27
N CYS E 114 -14.38 16.37 -6.35
CA CYS E 114 -15.12 17.33 -5.59
C CYS E 114 -15.62 18.44 -6.50
N ALA E 115 -14.78 18.89 -7.43
CA ALA E 115 -15.21 19.95 -8.34
C ALA E 115 -16.35 19.49 -9.22
N ILE E 116 -16.34 18.24 -9.66
CA ILE E 116 -17.43 17.74 -10.48
C ILE E 116 -18.72 17.72 -9.68
N HIS E 117 -18.65 17.30 -8.43
CA HIS E 117 -19.81 17.24 -7.55
C HIS E 117 -20.47 18.60 -7.42
N ALA E 118 -19.65 19.64 -7.39
CA ALA E 118 -20.11 21.00 -7.27
C ALA E 118 -20.55 21.58 -8.61
N LYS E 119 -20.54 20.76 -9.66
CA LYS E 119 -20.91 21.17 -11.02
C LYS E 119 -19.91 22.13 -11.64
N ARG E 120 -18.62 21.93 -11.40
CA ARG E 120 -17.58 22.72 -12.00
C ARG E 120 -16.58 21.89 -12.74
N VAL E 121 -15.84 22.54 -13.63
CA VAL E 121 -14.74 21.89 -14.31
C VAL E 121 -13.47 22.34 -13.66
N THR E 122 -13.42 23.63 -13.32
CA THR E 122 -12.24 24.26 -12.74
C THR E 122 -12.07 23.86 -11.30
N ILE E 123 -10.85 23.46 -10.92
CA ILE E 123 -10.59 23.13 -9.51
C ILE E 123 -10.17 24.36 -8.73
N MET E 124 -10.70 24.49 -7.52
CA MET E 124 -10.43 25.61 -6.65
C MET E 124 -9.85 25.15 -5.32
N PRO E 125 -9.21 26.01 -4.52
CA PRO E 125 -8.62 25.68 -3.26
C PRO E 125 -9.53 24.95 -2.32
N LYS E 126 -10.80 25.28 -2.34
CA LYS E 126 -11.74 24.59 -1.49
C LYS E 126 -12.02 23.17 -1.92
N ASP E 127 -11.70 22.76 -3.16
CA ASP E 127 -12.00 21.43 -3.53
C ASP E 127 -10.86 20.65 -2.95
N ILE E 128 -9.68 21.26 -2.88
CA ILE E 128 -8.55 20.57 -2.28
C ILE E 128 -8.80 20.40 -0.82
N GLN E 129 -9.27 21.44 -0.16
CA GLN E 129 -9.51 21.35 1.25
C GLN E 129 -10.57 20.35 1.61
N LEU E 130 -11.63 20.25 0.82
CA LEU E 130 -12.62 19.27 1.14
C LEU E 130 -12.04 17.89 0.99
N ALA E 131 -11.29 17.64 -0.08
CA ALA E 131 -10.77 16.31 -0.24
C ALA E 131 -9.89 15.93 0.91
N ARG E 132 -9.09 16.85 1.40
CA ARG E 132 -8.23 16.51 2.50
C ARG E 132 -8.99 16.27 3.77
N ARG E 133 -10.02 17.04 4.03
CA ARG E 133 -10.73 16.83 5.26
C ARG E 133 -11.48 15.53 5.29
N ILE E 134 -12.13 15.17 4.20
CA ILE E 134 -12.88 13.94 4.20
C ILE E 134 -11.92 12.81 4.35
N ARG E 135 -10.84 12.89 3.63
CA ARG E 135 -9.83 11.89 3.68
C ARG E 135 -9.27 11.72 5.09
N GLY E 136 -9.17 12.81 5.86
CA GLY E 136 -8.69 12.72 7.23
C GLY E 136 -7.33 13.35 7.52
N GLU E 137 -6.86 14.22 6.65
CA GLU E 137 -5.57 14.87 6.88
C GLU E 137 -5.77 16.14 7.70
N LEU F 26 19.63 27.22 3.63
CA LEU F 26 18.82 27.37 2.42
C LEU F 26 17.50 28.07 2.67
N ARG F 27 17.05 28.84 1.68
CA ARG F 27 15.77 29.54 1.75
C ARG F 27 15.02 29.54 0.43
N ASP F 28 13.70 29.54 0.54
CA ASP F 28 12.76 29.67 -0.57
C ASP F 28 12.94 28.74 -1.74
N ASN F 29 13.18 27.45 -1.49
CA ASN F 29 13.31 26.55 -2.61
C ASN F 29 11.99 25.91 -2.96
N ILE F 30 10.96 26.31 -2.24
CA ILE F 30 9.60 25.87 -2.45
C ILE F 30 9.10 26.41 -3.77
N GLN F 31 9.70 27.48 -4.22
CA GLN F 31 9.30 28.11 -5.45
C GLN F 31 9.87 27.37 -6.62
N GLY F 32 10.69 26.37 -6.34
CA GLY F 32 11.26 25.56 -7.37
C GLY F 32 10.20 24.62 -7.89
N ILE F 33 9.06 24.54 -7.20
CA ILE F 33 7.99 23.72 -7.68
C ILE F 33 7.17 24.74 -8.46
N THR F 34 7.41 24.75 -9.76
CA THR F 34 6.93 25.76 -10.66
C THR F 34 5.54 25.51 -11.12
N LYS F 35 4.90 26.51 -11.70
CA LYS F 35 3.57 26.31 -12.18
C LYS F 35 3.41 25.14 -13.12
N PRO F 36 4.25 24.93 -14.14
CA PRO F 36 4.13 23.79 -14.98
C PRO F 36 4.31 22.48 -14.24
N ALA F 37 4.99 22.45 -13.09
CA ALA F 37 5.08 21.17 -12.44
C ALA F 37 3.74 20.86 -11.85
N ILE F 38 3.10 21.89 -11.33
CA ILE F 38 1.83 21.70 -10.69
C ILE F 38 0.83 21.28 -11.71
N ARG F 39 0.85 21.94 -12.86
CA ARG F 39 -0.09 21.59 -13.88
C ARG F 39 0.10 20.20 -14.41
N ARG F 40 1.33 19.77 -14.61
CA ARG F 40 1.50 18.44 -15.13
C ARG F 40 1.00 17.40 -14.16
N LEU F 41 1.20 17.60 -12.86
CA LEU F 41 0.70 16.65 -11.90
C LEU F 41 -0.82 16.64 -11.95
N ALA F 42 -1.41 17.83 -12.05
CA ALA F 42 -2.84 17.92 -12.10
C ALA F 42 -3.39 17.24 -13.34
N ARG F 43 -2.68 17.33 -14.47
CA ARG F 43 -3.18 16.67 -15.65
C ARG F 43 -3.14 15.20 -15.54
N ARG F 44 -2.09 14.68 -14.96
CA ARG F 44 -2.00 13.26 -14.82
C ARG F 44 -3.20 12.74 -14.03
N GLY F 45 -3.62 13.53 -13.06
CA GLY F 45 -4.76 13.22 -12.20
C GLY F 45 -6.11 13.44 -12.89
N GLY F 46 -6.10 13.92 -14.13
CA GLY F 46 -7.32 14.14 -14.89
C GLY F 46 -7.97 15.51 -14.75
N VAL F 47 -7.26 16.50 -14.25
CA VAL F 47 -7.83 17.81 -14.09
C VAL F 47 -7.81 18.58 -15.38
N LYS F 48 -8.95 19.11 -15.79
CA LYS F 48 -8.99 19.86 -17.03
C LYS F 48 -8.71 21.34 -16.90
N ARG F 49 -9.16 21.98 -15.82
CA ARG F 49 -8.92 23.41 -15.61
C ARG F 49 -8.49 23.70 -14.22
N ILE F 50 -7.53 24.59 -14.10
CA ILE F 50 -6.96 24.90 -12.79
C ILE F 50 -7.09 26.36 -12.42
N SER F 51 -7.71 26.67 -11.30
CA SER F 51 -7.79 28.08 -10.94
C SER F 51 -6.45 28.59 -10.49
N GLY F 52 -6.30 29.90 -10.46
CA GLY F 52 -5.05 30.56 -10.12
C GLY F 52 -4.59 30.44 -8.69
N LEU F 53 -5.46 30.01 -7.80
CA LEU F 53 -5.06 29.90 -6.41
C LEU F 53 -4.60 28.51 -6.05
N ILE F 54 -4.66 27.58 -6.98
CA ILE F 54 -4.24 26.23 -6.74
C ILE F 54 -2.79 26.16 -6.50
N TYR F 55 -2.02 26.94 -7.21
CA TYR F 55 -0.61 26.83 -7.11
C TYR F 55 -0.14 27.05 -5.69
N GLU F 56 -0.65 28.03 -4.99
CA GLU F 56 -0.19 28.20 -3.63
C GLU F 56 -0.68 27.15 -2.70
N GLU F 57 -1.91 26.72 -2.89
CA GLU F 57 -2.46 25.74 -2.00
C GLU F 57 -1.70 24.44 -2.14
N THR F 58 -1.33 24.10 -3.38
CA THR F 58 -0.64 22.86 -3.65
C THR F 58 0.71 22.89 -3.02
N ARG F 59 1.41 24.01 -3.10
CA ARG F 59 2.72 24.06 -2.47
C ARG F 59 2.63 23.86 -1.00
N GLY F 60 1.61 24.42 -0.35
CA GLY F 60 1.47 24.23 1.08
C GLY F 60 1.27 22.76 1.40
N VAL F 61 0.49 22.05 0.60
CA VAL F 61 0.27 20.64 0.83
C VAL F 61 1.53 19.84 0.67
N LEU F 62 2.30 20.11 -0.38
CA LEU F 62 3.53 19.37 -0.57
C LEU F 62 4.46 19.57 0.55
N LYS F 63 4.62 20.79 1.00
CA LYS F 63 5.55 21.02 2.07
C LYS F 63 5.20 20.26 3.31
N VAL F 64 3.92 20.20 3.68
CA VAL F 64 3.57 19.45 4.85
C VAL F 64 3.86 17.99 4.70
N PHE F 65 3.56 17.43 3.56
CA PHE F 65 3.85 16.05 3.36
C PHE F 65 5.32 15.81 3.55
N LEU F 66 6.17 16.63 2.93
CA LEU F 66 7.59 16.42 3.10
C LEU F 66 8.04 16.61 4.51
N GLU F 67 7.55 17.59 5.24
CA GLU F 67 8.08 17.67 6.56
C GLU F 67 7.79 16.46 7.38
N ASN F 68 6.62 15.90 7.24
CA ASN F 68 6.36 14.75 8.07
C ASN F 68 7.19 13.54 7.64
N VAL F 69 7.42 13.35 6.35
CA VAL F 69 8.20 12.20 5.95
C VAL F 69 9.65 12.38 6.32
N ILE F 70 10.19 13.57 6.09
CA ILE F 70 11.58 13.83 6.40
C ILE F 70 11.81 13.74 7.86
N ARG F 71 10.96 14.33 8.68
CA ARG F 71 11.22 14.27 10.10
C ARG F 71 11.36 12.86 10.59
N ASP F 72 10.53 11.94 10.12
CA ASP F 72 10.68 10.59 10.61
C ASP F 72 11.93 9.94 10.02
N ALA F 73 12.24 10.19 8.77
CA ALA F 73 13.45 9.60 8.21
C ALA F 73 14.67 10.09 8.95
N VAL F 74 14.66 11.35 9.35
CA VAL F 74 15.78 11.87 10.08
C VAL F 74 15.85 11.22 11.44
N THR F 75 14.72 11.04 12.10
CA THR F 75 14.71 10.40 13.41
C THR F 75 15.29 8.99 13.35
N TYR F 76 14.94 8.21 12.34
CA TYR F 76 15.53 6.88 12.26
C TYR F 76 17.04 6.97 12.04
N THR F 77 17.46 7.93 11.21
CA THR F 77 18.86 8.11 10.87
C THR F 77 19.64 8.46 12.11
N GLU F 78 19.09 9.35 12.93
CA GLU F 78 19.75 9.73 14.15
C GLU F 78 19.81 8.63 15.16
N HIS F 79 18.75 7.88 15.32
CA HIS F 79 18.71 6.81 16.30
C HIS F 79 19.88 5.89 16.15
N ALA F 80 20.15 5.56 14.89
CA ALA F 80 21.19 4.66 14.46
C ALA F 80 22.57 5.29 14.48
N LYS F 81 22.63 6.57 14.82
CA LYS F 81 23.82 7.38 14.88
C LYS F 81 24.56 7.54 13.59
N ARG F 82 23.82 7.75 12.53
CA ARG F 82 24.36 7.99 11.23
C ARG F 82 24.15 9.41 10.85
N LYS F 83 24.84 9.84 9.82
CA LYS F 83 24.75 11.22 9.35
C LYS F 83 24.14 11.29 7.97
N THR F 84 23.93 10.14 7.34
CA THR F 84 23.44 10.16 5.99
C THR F 84 22.10 9.51 6.00
N VAL F 85 21.11 10.16 5.45
CA VAL F 85 19.79 9.60 5.40
C VAL F 85 19.77 8.61 4.25
N THR F 86 19.34 7.38 4.50
CA THR F 86 19.32 6.42 3.40
C THR F 86 17.96 6.12 2.89
N ALA F 87 17.91 5.34 1.83
CA ALA F 87 16.64 5.02 1.22
C ALA F 87 15.76 4.32 2.17
N MET F 88 16.33 3.50 3.03
CA MET F 88 15.54 2.75 3.97
C MET F 88 14.95 3.61 5.03
N ASP F 89 15.51 4.76 5.32
CA ASP F 89 14.97 5.54 6.37
C ASP F 89 13.75 6.23 5.80
N VAL F 90 13.82 6.54 4.52
CA VAL F 90 12.70 7.13 3.84
C VAL F 90 11.60 6.10 3.71
N VAL F 91 11.94 4.88 3.34
CA VAL F 91 10.92 3.86 3.20
C VAL F 91 10.21 3.61 4.50
N TYR F 92 10.92 3.53 5.63
CA TYR F 92 10.20 3.30 6.86
C TYR F 92 9.34 4.51 7.20
N ALA F 93 9.84 5.71 6.96
CA ALA F 93 9.03 6.86 7.30
C ALA F 93 7.72 6.84 6.55
N LEU F 94 7.74 6.40 5.30
CA LEU F 94 6.53 6.34 4.50
C LEU F 94 5.63 5.19 4.92
N LYS F 95 6.21 4.07 5.29
CA LYS F 95 5.43 2.93 5.71
C LYS F 95 4.55 3.24 6.88
N ARG F 96 5.07 4.03 7.79
CA ARG F 96 4.31 4.37 8.96
C ARG F 96 3.12 5.24 8.74
N GLN F 97 3.05 5.87 7.62
CA GLN F 97 1.94 6.74 7.37
C GLN F 97 0.94 6.02 6.55
N GLY F 98 1.16 4.73 6.32
CA GLY F 98 0.24 3.97 5.53
C GLY F 98 0.53 4.12 4.08
N ARG F 99 1.76 4.46 3.73
CA ARG F 99 2.08 4.61 2.34
C ARG F 99 3.23 3.75 1.96
N THR F 100 2.98 2.49 1.78
CA THR F 100 4.04 1.56 1.49
C THR F 100 4.57 1.84 0.12
N LEU F 101 5.87 1.95 0.01
CA LEU F 101 6.53 2.20 -1.27
C LEU F 101 7.33 1.01 -1.72
N TYR F 102 7.11 0.55 -2.94
CA TYR F 102 7.84 -0.58 -3.47
C TYR F 102 8.90 -0.16 -4.48
N GLY F 103 10.01 -0.87 -4.49
CA GLY F 103 11.07 -0.67 -5.48
C GLY F 103 12.35 0.05 -5.05
N PHE F 104 12.41 0.58 -3.84
CA PHE F 104 13.61 1.28 -3.36
C PHE F 104 14.30 0.57 -2.22
N GLY F 105 14.14 -0.72 -2.14
CA GLY F 105 14.69 -1.48 -1.04
C GLY F 105 13.52 -1.79 -0.16
N GLY F 106 13.68 -2.76 0.74
CA GLY F 106 12.57 -3.15 1.59
C GLY F 106 12.05 -4.50 1.12
N LYS G 13 14.02 13.86 40.69
CA LYS G 13 13.34 14.25 41.92
C LYS G 13 14.33 13.98 43.06
N ALA G 14 14.19 14.67 44.19
CA ALA G 14 15.18 14.58 45.27
C ALA G 14 15.50 13.20 45.86
N ARG G 15 14.51 12.33 46.04
CA ARG G 15 14.85 11.05 46.68
C ARG G 15 13.73 10.04 46.68
N ALA G 16 14.07 8.84 47.12
CA ALA G 16 13.12 7.78 47.38
C ALA G 16 13.63 6.97 48.55
N LYS G 17 12.72 6.40 49.32
CA LYS G 17 13.13 5.52 50.41
C LYS G 17 12.16 4.36 50.53
N ALA G 18 12.38 3.36 49.70
CA ALA G 18 11.51 2.22 49.63
C ALA G 18 12.23 1.10 48.94
N LYS G 19 11.66 -0.08 49.03
CA LYS G 19 12.25 -1.19 48.35
C LYS G 19 11.77 -1.37 46.91
N THR G 20 10.68 -0.74 46.50
CA THR G 20 10.19 -1.01 45.16
C THR G 20 10.90 -0.21 44.09
N ARG G 21 10.77 -0.66 42.84
CA ARG G 21 11.40 0.06 41.75
C ARG G 21 10.63 1.29 41.36
N SER G 22 9.32 1.25 41.55
CA SER G 22 8.49 2.38 41.21
C SER G 22 8.83 3.50 42.14
N SER G 23 9.10 3.20 43.40
CA SER G 23 9.45 4.26 44.30
C SER G 23 10.78 4.87 43.91
N ARG G 24 11.77 4.04 43.61
CA ARG G 24 13.06 4.61 43.24
C ARG G 24 12.97 5.56 42.08
N ALA G 25 12.16 5.20 41.12
CA ALA G 25 12.01 6.01 39.93
C ALA G 25 11.08 7.19 40.13
N GLY G 26 10.43 7.28 41.29
CA GLY G 26 9.47 8.35 41.58
C GLY G 26 8.15 8.19 40.84
N LEU G 27 7.78 6.98 40.50
CA LEU G 27 6.60 6.68 39.73
C LEU G 27 5.46 6.09 40.51
N GLN G 28 4.25 6.22 39.96
CA GLN G 28 3.09 5.58 40.55
C GLN G 28 2.80 4.30 39.81
N PHE G 29 3.11 4.25 38.53
CA PHE G 29 2.91 3.06 37.74
C PHE G 29 3.93 2.02 38.15
N PRO G 30 3.61 0.72 38.06
CA PRO G 30 4.47 -0.36 38.41
C PRO G 30 5.59 -0.43 37.44
N VAL G 31 6.76 -0.79 37.90
CA VAL G 31 7.87 -0.97 37.01
C VAL G 31 8.06 -2.43 36.72
N GLY G 32 7.98 -3.24 37.75
CA GLY G 32 8.20 -4.67 37.58
C GLY G 32 7.21 -5.27 36.63
N ARG G 33 5.98 -4.79 36.66
CA ARG G 33 4.99 -5.32 35.75
C ARG G 33 5.30 -4.96 34.33
N VAL G 34 5.79 -3.76 34.11
CA VAL G 34 6.08 -3.32 32.78
C VAL G 34 7.20 -4.17 32.26
N HIS G 35 8.19 -4.45 33.09
CA HIS G 35 9.31 -5.28 32.66
C HIS G 35 8.78 -6.64 32.27
N ARG G 36 7.91 -7.22 33.08
CA ARG G 36 7.37 -8.52 32.76
C ARG G 36 6.62 -8.54 31.45
N LEU G 37 5.83 -7.51 31.21
CA LEU G 37 5.07 -7.43 29.98
C LEU G 37 5.97 -7.18 28.79
N LEU G 38 7.11 -6.52 28.97
CA LEU G 38 8.00 -6.37 27.86
C LEU G 38 8.73 -7.66 27.57
N ARG G 39 9.08 -8.45 28.60
CA ARG G 39 9.79 -9.70 28.34
C ARG G 39 8.96 -10.71 27.64
N LYS G 40 7.73 -10.88 28.14
CA LYS G 40 6.72 -11.71 27.49
C LYS G 40 6.17 -10.95 26.31
N GLY G 41 5.67 -11.60 25.24
CA GLY G 41 5.10 -10.77 24.20
C GLY G 41 6.03 -10.69 23.02
N ASN G 42 7.20 -11.31 23.12
CA ASN G 42 8.13 -11.35 22.02
C ASN G 42 8.48 -10.02 21.39
N TYR G 43 8.82 -9.02 22.20
CA TYR G 43 9.20 -7.74 21.62
C TYR G 43 10.67 -7.78 21.28
N SER G 44 11.42 -8.50 22.08
CA SER G 44 12.85 -8.64 21.89
C SER G 44 13.30 -9.80 22.71
N GLU G 45 14.49 -10.29 22.44
CA GLU G 45 15.09 -11.29 23.28
C GLU G 45 15.46 -10.73 24.64
N ARG G 46 15.89 -9.48 24.68
CA ARG G 46 16.32 -8.86 25.91
C ARG G 46 15.67 -7.53 26.20
N VAL G 47 15.45 -7.26 27.48
CA VAL G 47 14.92 -5.98 27.90
C VAL G 47 15.87 -5.32 28.86
N GLY G 48 16.30 -4.13 28.54
CA GLY G 48 17.27 -3.42 29.33
C GLY G 48 16.70 -2.91 30.62
N ALA G 49 17.56 -2.64 31.56
CA ALA G 49 17.15 -2.20 32.88
C ALA G 49 16.36 -0.92 32.89
N GLY G 50 16.69 0.01 32.03
CA GLY G 50 15.96 1.26 32.04
C GLY G 50 14.73 1.22 31.17
N ALA G 51 14.53 0.18 30.40
CA ALA G 51 13.41 0.20 29.49
C ALA G 51 12.08 0.32 30.21
N PRO G 52 11.73 -0.42 31.28
CA PRO G 52 10.48 -0.33 31.96
C PRO G 52 10.38 0.90 32.82
N VAL G 53 11.48 1.59 33.06
CA VAL G 53 11.41 2.72 33.92
C VAL G 53 11.03 3.87 33.06
N TYR G 54 11.68 3.94 31.92
CA TYR G 54 11.41 4.99 31.00
C TYR G 54 9.98 4.83 30.56
N LEU G 55 9.60 3.62 30.17
CA LEU G 55 8.25 3.41 29.69
C LEU G 55 7.21 3.63 30.74
N ALA G 56 7.41 3.19 31.97
CA ALA G 56 6.39 3.43 32.95
C ALA G 56 6.18 4.92 33.12
N ALA G 57 7.26 5.71 33.09
CA ALA G 57 7.12 7.16 33.23
C ALA G 57 6.29 7.78 32.14
N VAL G 58 6.42 7.26 30.93
CA VAL G 58 5.66 7.80 29.81
C VAL G 58 4.19 7.49 29.95
N LEU G 59 3.87 6.26 30.31
CA LEU G 59 2.48 5.89 30.45
C LEU G 59 1.85 6.69 31.54
N GLU G 60 2.59 6.96 32.60
CA GLU G 60 2.05 7.75 33.67
C GLU G 60 1.80 9.16 33.23
N TYR G 61 2.71 9.74 32.49
CA TYR G 61 2.51 11.08 32.01
C TYR G 61 1.25 11.19 31.20
N LEU G 62 1.07 10.31 30.23
CA LEU G 62 -0.11 10.43 29.40
C LEU G 62 -1.38 10.18 30.17
N THR G 63 -1.36 9.26 31.12
CA THR G 63 -2.52 8.98 31.92
C THR G 63 -2.90 10.20 32.71
N ALA G 64 -1.92 10.85 33.32
CA ALA G 64 -2.19 12.03 34.10
C ALA G 64 -2.75 13.12 33.26
N GLU G 65 -2.29 13.25 32.04
CA GLU G 65 -2.75 14.34 31.20
C GLU G 65 -4.22 14.18 30.85
N ILE G 66 -4.63 12.98 30.50
CA ILE G 66 -6.02 12.81 30.16
C ILE G 66 -6.89 13.02 31.34
N LEU G 67 -6.52 12.47 32.48
CA LEU G 67 -7.37 12.65 33.63
C LEU G 67 -7.46 14.08 34.03
N GLU G 68 -6.39 14.86 33.93
CA GLU G 68 -6.55 16.23 34.33
C GLU G 68 -7.56 16.93 33.46
N LEU G 69 -7.49 16.72 32.16
CA LEU G 69 -8.43 17.38 31.27
C LEU G 69 -9.85 16.89 31.47
N ALA G 70 -10.03 15.59 31.70
CA ALA G 70 -11.35 15.07 31.93
C ALA G 70 -11.91 15.61 33.20
N GLY G 71 -11.09 15.77 34.22
CA GLY G 71 -11.56 16.31 35.47
C GLY G 71 -12.04 17.74 35.29
N ASN G 72 -11.35 18.52 34.45
CA ASN G 72 -11.82 19.87 34.23
C ASN G 72 -13.15 19.86 33.51
N ALA G 73 -13.31 18.93 32.58
CA ALA G 73 -14.59 18.85 31.89
C ALA G 73 -15.70 18.51 32.88
N ALA G 74 -15.41 17.63 33.83
CA ALA G 74 -16.42 17.28 34.79
C ALA G 74 -16.84 18.47 35.59
N ARG G 75 -15.91 19.32 35.99
CA ARG G 75 -16.30 20.49 36.76
C ARG G 75 -17.08 21.48 35.91
N ASP G 76 -16.74 21.63 34.63
CA ASP G 76 -17.47 22.57 33.79
C ASP G 76 -18.92 22.15 33.64
N ASN G 77 -19.17 20.85 33.70
CA ASN G 77 -20.52 20.31 33.60
C ASN G 77 -21.14 20.15 34.98
N LYS G 78 -20.48 20.70 35.98
CA LYS G 78 -20.86 20.71 37.38
C LYS G 78 -21.01 19.35 38.02
N LYS G 79 -20.10 18.46 37.72
CA LYS G 79 -20.09 17.13 38.28
C LYS G 79 -18.84 16.84 39.09
N THR G 80 -18.92 15.84 39.94
CA THR G 80 -17.86 15.39 40.86
C THR G 80 -17.15 14.14 40.33
N ARG G 81 -17.68 13.59 39.26
CA ARG G 81 -17.17 12.36 38.73
C ARG G 81 -16.95 12.35 37.24
N ILE G 82 -15.91 11.63 36.81
CA ILE G 82 -15.61 11.41 35.41
C ILE G 82 -16.38 10.22 34.84
N ILE G 83 -17.05 10.44 33.73
CA ILE G 83 -17.77 9.38 33.04
C ILE G 83 -17.20 9.35 31.62
N PRO G 84 -17.44 8.33 30.77
CA PRO G 84 -16.92 8.22 29.42
C PRO G 84 -17.12 9.46 28.59
N ARG G 85 -18.19 10.18 28.81
CA ARG G 85 -18.36 11.38 28.04
C ARG G 85 -17.30 12.41 28.32
N HIS G 86 -16.81 12.51 29.55
CA HIS G 86 -15.88 13.55 29.82
C HIS G 86 -14.57 13.18 29.21
N LEU G 87 -14.31 11.88 29.15
CA LEU G 87 -13.05 11.49 28.55
C LEU G 87 -13.10 11.87 27.07
N GLN G 88 -14.25 11.69 26.42
CA GLN G 88 -14.35 12.09 25.01
C GLN G 88 -14.21 13.56 24.80
N LEU G 89 -14.75 14.37 25.68
CA LEU G 89 -14.61 15.79 25.47
C LEU G 89 -13.18 16.20 25.72
N ALA G 90 -12.54 15.62 26.70
CA ALA G 90 -11.17 15.98 27.02
C ALA G 90 -10.26 15.72 25.86
N ILE G 91 -10.48 14.62 25.17
CA ILE G 91 -9.67 14.27 24.04
C ILE G 91 -9.99 15.10 22.84
N ARG G 92 -11.25 15.25 22.51
CA ARG G 92 -11.54 15.93 21.26
C ARG G 92 -11.31 17.42 21.29
N ASN G 93 -11.30 18.03 22.45
CA ASN G 93 -11.06 19.45 22.53
C ASN G 93 -9.58 19.79 22.72
N ASP G 94 -8.70 18.79 22.57
CA ASP G 94 -7.26 18.95 22.72
C ASP G 94 -6.57 18.37 21.50
N GLU G 95 -5.91 19.19 20.70
CA GLU G 95 -5.39 18.71 19.43
C GLU G 95 -4.37 17.62 19.52
N GLU G 96 -3.49 17.70 20.48
CA GLU G 96 -2.47 16.70 20.52
C GLU G 96 -3.02 15.36 20.93
N LEU G 97 -3.95 15.34 21.90
CA LEU G 97 -4.51 14.06 22.22
C LEU G 97 -5.38 13.60 21.09
N ASN G 98 -6.10 14.51 20.45
CA ASN G 98 -6.95 14.09 19.37
C ASN G 98 -6.17 13.40 18.29
N LYS G 99 -4.98 13.87 17.98
CA LYS G 99 -4.23 13.16 16.96
C LYS G 99 -3.82 11.78 17.41
N LEU G 100 -3.37 11.68 18.65
CA LEU G 100 -2.90 10.41 19.19
C LEU G 100 -4.01 9.37 19.20
N LEU G 101 -5.21 9.82 19.51
CA LEU G 101 -6.40 9.02 19.62
C LEU G 101 -7.41 9.30 18.50
N GLY G 102 -6.93 9.77 17.37
CA GLY G 102 -7.81 10.16 16.27
C GLY G 102 -8.74 9.10 15.73
N ARG G 103 -8.35 7.83 15.80
CA ARG G 103 -9.22 6.77 15.29
C ARG G 103 -9.95 6.00 16.36
N VAL G 104 -9.87 6.45 17.59
CA VAL G 104 -10.49 5.73 18.66
C VAL G 104 -11.95 6.02 18.89
N THR G 105 -12.70 4.95 18.97
CA THR G 105 -14.11 5.03 19.26
C THR G 105 -14.28 4.77 20.74
N ILE G 106 -14.97 5.65 21.42
CA ILE G 106 -15.19 5.45 22.83
C ILE G 106 -16.59 5.00 23.07
N ALA G 107 -16.74 3.85 23.71
CA ALA G 107 -18.08 3.39 23.95
C ALA G 107 -18.74 4.42 24.80
N GLN G 108 -19.96 4.83 24.43
CA GLN G 108 -20.73 5.85 25.16
C GLN G 108 -20.08 7.23 25.20
N GLY G 109 -19.17 7.50 24.27
CA GLY G 109 -18.49 8.77 24.24
C GLY G 109 -19.31 9.97 23.82
N GLY G 110 -20.23 9.81 22.89
CA GLY G 110 -20.96 10.97 22.41
C GLY G 110 -20.13 11.73 21.37
N VAL G 111 -20.60 12.91 20.96
CA VAL G 111 -19.93 13.74 19.95
C VAL G 111 -19.80 15.18 20.42
N LEU G 112 -18.96 15.99 19.78
CA LEU G 112 -18.94 17.40 20.12
C LEU G 112 -20.13 18.09 19.49
N PRO G 113 -20.70 19.14 20.10
CA PRO G 113 -21.85 19.88 19.64
C PRO G 113 -21.57 20.85 18.50
N ASN G 114 -21.23 20.30 17.35
CA ASN G 114 -20.91 21.07 16.15
C ASN G 114 -22.08 21.25 15.19
N ILE G 115 -22.50 22.50 14.99
CA ILE G 115 -23.60 22.83 14.08
C ILE G 115 -23.03 23.75 13.02
N GLN G 116 -23.26 23.45 11.75
CA GLN G 116 -22.74 24.30 10.69
C GLN G 116 -23.55 25.59 10.61
N ALA G 117 -22.86 26.70 10.39
CA ALA G 117 -23.50 28.01 10.33
C ALA G 117 -24.58 28.12 9.27
N VAL G 118 -24.42 27.40 8.16
CA VAL G 118 -25.37 27.47 7.07
C VAL G 118 -26.73 26.89 7.42
N LEU G 119 -26.81 26.19 8.54
CA LEU G 119 -28.04 25.57 8.97
C LEU G 119 -28.84 26.46 9.92
N LEU G 120 -28.19 27.52 10.40
CA LEU G 120 -28.79 28.39 11.39
C LEU G 120 -29.71 29.42 10.74
N PRO G 121 -30.70 29.97 11.46
CA PRO G 121 -31.60 30.99 10.98
C PRO G 121 -30.94 32.35 11.11
N SER H 36 -8.90 -17.96 38.48
CA SER H 36 -9.06 -16.89 37.50
C SER H 36 -8.59 -15.56 38.06
N ARG H 37 -7.50 -15.04 37.50
CA ARG H 37 -6.96 -13.77 37.96
C ARG H 37 -6.62 -12.90 36.76
N LYS H 38 -7.02 -11.64 36.83
CA LYS H 38 -6.77 -10.66 35.79
C LYS H 38 -5.98 -9.50 36.32
N GLU H 39 -5.29 -8.80 35.45
CA GLU H 39 -4.57 -7.61 35.86
C GLU H 39 -5.04 -6.40 35.07
N SER H 40 -5.02 -5.26 35.74
CA SER H 40 -5.44 -4.02 35.15
C SER H 40 -4.69 -2.94 35.86
N TYR H 41 -4.85 -1.73 35.41
CA TYR H 41 -4.17 -0.60 35.99
C TYR H 41 -5.10 0.24 36.81
N SER H 42 -6.25 -0.29 37.20
CA SER H 42 -7.19 0.57 37.90
C SER H 42 -6.66 1.18 39.18
N ILE H 43 -5.74 0.52 39.85
CA ILE H 43 -5.18 1.10 41.05
C ILE H 43 -4.35 2.31 40.74
N TYR H 44 -3.56 2.19 39.70
CA TYR H 44 -2.62 3.22 39.36
C TYR H 44 -3.32 4.38 38.73
N VAL H 45 -4.37 4.10 37.96
CA VAL H 45 -5.11 5.18 37.35
C VAL H 45 -5.75 5.97 38.44
N TYR H 46 -6.31 5.28 39.41
CA TYR H 46 -6.95 5.94 40.50
C TYR H 46 -5.99 6.82 41.29
N LYS H 47 -4.79 6.31 41.55
CA LYS H 47 -3.78 7.07 42.29
C LYS H 47 -3.38 8.32 41.53
N VAL H 48 -3.29 8.24 40.21
CA VAL H 48 -2.95 9.42 39.46
C VAL H 48 -4.09 10.41 39.56
N LEU H 49 -5.33 9.95 39.46
CA LEU H 49 -6.45 10.86 39.51
C LEU H 49 -6.44 11.64 40.78
N LYS H 50 -6.14 11.01 41.90
CA LYS H 50 -6.15 11.79 43.13
C LYS H 50 -5.01 12.78 43.18
N GLN H 51 -3.89 12.61 42.47
CA GLN H 51 -2.91 13.68 42.49
C GLN H 51 -3.33 14.87 41.66
N VAL H 52 -3.98 14.63 40.53
CA VAL H 52 -4.37 15.76 39.70
C VAL H 52 -5.66 16.42 40.20
N HIS H 53 -6.63 15.64 40.63
CA HIS H 53 -7.92 16.11 41.11
C HIS H 53 -8.35 15.36 42.36
N PRO H 54 -7.91 15.76 43.54
CA PRO H 54 -8.14 15.11 44.82
C PRO H 54 -9.60 14.83 45.19
N ASP H 55 -10.54 15.61 44.66
CA ASP H 55 -11.93 15.42 45.00
C ASP H 55 -12.78 14.89 43.84
N THR H 56 -12.15 14.34 42.83
CA THR H 56 -12.91 13.81 41.70
C THR H 56 -12.87 12.32 41.66
N GLY H 57 -14.01 11.69 41.47
CA GLY H 57 -14.05 10.25 41.37
C GLY H 57 -14.12 9.81 39.93
N ILE H 58 -14.11 8.53 39.69
CA ILE H 58 -14.20 8.02 38.33
C ILE H 58 -15.16 6.86 38.26
N SER H 59 -16.04 6.84 37.26
CA SER H 59 -16.98 5.73 37.13
C SER H 59 -16.29 4.48 36.66
N SER H 60 -16.94 3.33 36.81
CA SER H 60 -16.34 2.08 36.36
C SER H 60 -16.23 1.99 34.86
N LYS H 61 -17.12 2.66 34.15
CA LYS H 61 -17.01 2.63 32.71
C LYS H 61 -15.86 3.51 32.29
N ALA H 62 -15.68 4.64 32.98
CA ALA H 62 -14.57 5.48 32.65
C ALA H 62 -13.29 4.76 32.93
N MET H 63 -13.26 3.94 33.98
CA MET H 63 -12.07 3.19 34.29
C MET H 63 -11.81 2.15 33.22
N GLY H 64 -12.86 1.54 32.70
CA GLY H 64 -12.68 0.55 31.64
C GLY H 64 -12.00 1.20 30.44
N ILE H 65 -12.31 2.46 30.19
CA ILE H 65 -11.69 3.19 29.11
C ILE H 65 -10.25 3.50 29.42
N MET H 66 -9.96 3.93 30.63
CA MET H 66 -8.58 4.23 30.94
C MET H 66 -7.72 2.98 30.83
N ASN H 67 -8.26 1.80 31.13
CA ASN H 67 -7.45 0.62 30.95
C ASN H 67 -7.27 0.29 29.49
N SER H 68 -8.25 0.52 28.63
CA SER H 68 -8.00 0.26 27.23
C SER H 68 -6.94 1.21 26.74
N PHE H 69 -6.98 2.45 27.20
CA PHE H 69 -6.00 3.44 26.80
C PHE H 69 -4.60 3.05 27.18
N VAL H 70 -4.38 2.66 28.42
CA VAL H 70 -3.03 2.33 28.82
C VAL H 70 -2.54 1.14 28.05
N ASN H 71 -3.38 0.12 27.86
CA ASN H 71 -2.90 -1.01 27.12
C ASN H 71 -2.58 -0.67 25.69
N ASP H 72 -3.32 0.24 25.08
CA ASP H 72 -3.06 0.60 23.70
C ASP H 72 -1.77 1.38 23.57
N ILE H 73 -1.53 2.33 24.47
CA ILE H 73 -0.30 3.07 24.35
C ILE H 73 0.87 2.15 24.60
N PHE H 74 0.78 1.29 25.59
CA PHE H 74 1.87 0.39 25.87
C PHE H 74 2.21 -0.41 24.65
N GLU H 75 1.22 -1.01 24.01
CA GLU H 75 1.52 -1.82 22.87
C GLU H 75 2.15 -1.04 21.76
N ARG H 76 1.69 0.16 21.48
CA ARG H 76 2.29 0.86 20.37
C ARG H 76 3.73 1.22 20.63
N ILE H 77 4.05 1.66 21.84
CA ILE H 77 5.41 2.04 22.10
C ILE H 77 6.28 0.82 22.07
N ALA H 78 5.87 -0.25 22.72
CA ALA H 78 6.66 -1.44 22.74
C ALA H 78 6.81 -2.00 21.34
N GLY H 79 5.78 -1.91 20.53
CA GLY H 79 5.81 -2.40 19.17
C GLY H 79 6.82 -1.64 18.33
N GLU H 80 6.82 -0.33 18.41
CA GLU H 80 7.76 0.43 17.62
C GLU H 80 9.17 0.21 18.15
N ALA H 81 9.35 0.14 19.47
CA ALA H 81 10.69 -0.07 19.98
C ALA H 81 11.22 -1.41 19.50
N SER H 82 10.36 -2.42 19.40
CA SER H 82 10.78 -3.70 18.89
C SER H 82 11.29 -3.59 17.50
N ARG H 83 10.55 -2.88 16.66
CA ARG H 83 10.94 -2.69 15.29
C ARG H 83 12.26 -1.97 15.17
N LEU H 84 12.49 -0.95 15.99
CA LEU H 84 13.75 -0.24 15.91
C LEU H 84 14.90 -1.15 16.25
N ALA H 85 14.74 -1.98 17.27
CA ALA H 85 15.81 -2.87 17.61
C ALA H 85 16.07 -3.81 16.46
N HIS H 86 15.02 -4.29 15.81
CA HIS H 86 15.23 -5.19 14.69
C HIS H 86 15.94 -4.50 13.55
N TYR H 87 15.50 -3.32 13.18
CA TYR H 87 16.07 -2.56 12.09
C TYR H 87 17.55 -2.36 12.24
N ASN H 88 18.00 -2.09 13.44
CA ASN H 88 19.40 -1.82 13.68
C ASN H 88 20.17 -3.06 14.08
N LYS H 89 19.52 -4.22 13.91
CA LYS H 89 20.11 -5.52 14.15
C LYS H 89 20.56 -5.71 15.59
N ARG H 90 19.71 -5.33 16.54
CA ARG H 90 20.01 -5.49 17.94
C ARG H 90 18.98 -6.37 18.56
N SER H 91 19.30 -6.98 19.69
CA SER H 91 18.35 -7.84 20.35
C SER H 91 17.87 -7.27 21.67
N THR H 92 18.28 -6.06 21.98
CA THR H 92 17.94 -5.48 23.26
C THR H 92 17.18 -4.20 23.14
N ILE H 93 16.11 -4.07 23.92
CA ILE H 93 15.38 -2.82 24.00
C ILE H 93 15.89 -2.05 25.18
N THR H 94 16.37 -0.86 24.95
CA THR H 94 16.93 -0.08 26.03
C THR H 94 16.14 1.19 26.13
N SER H 95 16.53 2.06 27.03
CA SER H 95 15.79 3.30 27.15
C SER H 95 15.93 4.14 25.90
N ARG H 96 16.92 3.90 25.06
CA ARG H 96 17.06 4.72 23.89
C ARG H 96 15.97 4.37 22.89
N GLU H 97 15.67 3.10 22.71
CA GLU H 97 14.62 2.73 21.79
C GLU H 97 13.29 3.16 22.28
N ILE H 98 13.08 3.12 23.58
CA ILE H 98 11.80 3.55 24.03
C ILE H 98 11.70 5.03 23.71
N GLN H 99 12.75 5.80 23.95
CA GLN H 99 12.70 7.22 23.66
C GLN H 99 12.47 7.54 22.21
N THR H 100 13.13 6.83 21.30
CA THR H 100 12.90 7.07 19.90
C THR H 100 11.49 6.71 19.55
N ALA H 101 10.98 5.59 20.08
CA ALA H 101 9.62 5.21 19.79
C ALA H 101 8.64 6.27 20.26
N VAL H 102 8.92 6.90 21.39
CA VAL H 102 8.04 7.95 21.87
C VAL H 102 8.05 9.10 20.91
N ARG H 103 9.20 9.52 20.42
CA ARG H 103 9.20 10.62 19.48
C ARG H 103 8.48 10.32 18.18
N LEU H 104 8.59 9.12 17.68
CA LEU H 104 7.92 8.79 16.45
C LEU H 104 6.40 8.70 16.63
N LEU H 105 5.95 8.26 17.79
CA LEU H 105 4.52 8.10 18.02
C LEU H 105 3.78 9.29 18.62
N LEU H 106 4.37 10.06 19.52
CA LEU H 106 3.58 11.12 20.11
C LEU H 106 3.78 12.41 19.34
N PRO H 107 2.73 13.19 19.07
CA PRO H 107 2.77 14.46 18.42
C PRO H 107 3.16 15.63 19.30
N GLY H 108 3.60 16.70 18.65
CA GLY H 108 3.69 18.01 19.28
C GLY H 108 4.52 18.04 20.52
N GLU H 109 3.95 18.61 21.56
CA GLU H 109 4.62 18.72 22.81
C GLU H 109 4.42 17.53 23.69
N LEU H 110 3.59 16.58 23.29
CA LEU H 110 3.45 15.44 24.17
C LEU H 110 4.77 14.74 24.09
N ALA H 111 5.35 14.70 22.90
CA ALA H 111 6.62 14.05 22.77
C ALA H 111 7.67 14.70 23.63
N LYS H 112 7.69 16.01 23.73
CA LYS H 112 8.73 16.64 24.53
C LYS H 112 8.56 16.41 25.99
N HIS H 113 7.35 16.49 26.47
CA HIS H 113 7.19 16.33 27.88
C HIS H 113 7.36 14.89 28.26
N ALA H 114 6.91 13.97 27.42
CA ALA H 114 7.06 12.58 27.74
C ALA H 114 8.54 12.23 27.79
N VAL H 115 9.33 12.78 26.87
CA VAL H 115 10.75 12.50 26.88
C VAL H 115 11.42 13.06 28.10
N SER H 116 11.07 14.27 28.50
CA SER H 116 11.67 14.83 29.68
C SER H 116 11.35 13.99 30.91
N GLU H 117 10.09 13.55 31.05
CA GLU H 117 9.75 12.76 32.23
C GLU H 117 10.42 11.41 32.24
N GLY H 118 10.54 10.79 31.08
CA GLY H 118 11.20 9.52 31.02
C GLY H 118 12.65 9.67 31.43
N THR H 119 13.30 10.73 30.97
CA THR H 119 14.68 10.95 31.29
C THR H 119 14.88 11.08 32.77
N LYS H 120 14.02 11.84 33.44
CA LYS H 120 14.18 11.94 34.87
C LYS H 120 13.97 10.64 35.58
N ALA H 121 12.98 9.85 35.18
CA ALA H 121 12.75 8.61 35.89
C ALA H 121 13.94 7.71 35.80
N VAL H 122 14.57 7.65 34.64
CA VAL H 122 15.73 6.81 34.49
C VAL H 122 16.89 7.33 35.29
N THR H 123 17.10 8.64 35.25
CA THR H 123 18.19 9.24 35.97
C THR H 123 18.08 8.99 37.45
N LYS H 124 16.90 9.20 38.00
CA LYS H 124 16.71 9.01 39.42
C LYS H 124 16.82 7.57 39.80
N TYR H 125 16.23 6.70 39.01
CA TYR H 125 16.28 5.30 39.29
C TYR H 125 17.70 4.82 39.39
N THR H 126 18.51 5.21 38.43
CA THR H 126 19.89 4.77 38.34
C THR H 126 20.65 5.16 39.60
N SER H 127 20.42 6.36 40.09
CA SER H 127 21.10 6.87 41.28
C SER H 127 20.43 6.52 42.62
N ALA H 128 19.32 5.78 42.61
CA ALA H 128 18.59 5.46 43.85
C ALA H 128 18.69 3.97 44.21
N ASP K 409 48.86 -20.15 -32.56
CA ASP K 409 49.06 -18.83 -33.10
C ASP K 409 47.75 -18.08 -33.25
N ILE K 410 47.63 -16.98 -32.53
CA ILE K 410 46.42 -16.18 -32.56
C ILE K 410 46.20 -15.55 -33.93
N LYS K 411 47.27 -15.23 -34.67
CA LYS K 411 47.06 -14.62 -35.96
C LYS K 411 46.60 -15.65 -36.95
N ALA K 412 47.12 -16.88 -36.86
CA ALA K 412 46.68 -17.91 -37.76
C ALA K 412 45.21 -18.19 -37.51
N LEU K 413 44.81 -18.17 -36.22
CA LEU K 413 43.43 -18.39 -35.88
C LEU K 413 42.56 -17.26 -36.37
N GLN K 414 43.03 -16.02 -36.22
CA GLN K 414 42.27 -14.91 -36.67
C GLN K 414 42.02 -15.01 -38.15
N LYS K 415 43.04 -15.38 -38.93
CA LYS K 415 42.86 -15.48 -40.36
C LYS K 415 41.87 -16.60 -40.70
N GLU K 416 41.96 -17.74 -40.01
CA GLU K 416 41.02 -18.81 -40.29
C GLU K 416 39.59 -18.39 -40.02
N LEU K 417 39.36 -17.70 -38.90
CA LEU K 417 38.02 -17.28 -38.56
C LEU K 417 37.53 -16.22 -39.53
N GLU K 418 38.41 -15.30 -39.97
CA GLU K 418 38.02 -14.29 -40.93
C GLU K 418 37.59 -14.92 -42.24
N GLN K 419 38.34 -15.93 -42.68
CA GLN K 419 38.04 -16.62 -43.92
C GLN K 419 36.75 -17.39 -43.80
N PHE K 420 36.55 -18.05 -42.67
CA PHE K 420 35.32 -18.78 -42.49
C PHE K 420 34.13 -17.87 -42.54
N ALA K 421 34.18 -16.78 -41.77
CA ALA K 421 33.06 -15.88 -41.71
C ALA K 421 32.78 -15.30 -43.08
N LYS K 422 33.83 -15.03 -43.85
CA LYS K 422 33.62 -14.51 -45.19
C LYS K 422 32.98 -15.54 -46.09
N LEU K 423 33.36 -16.83 -45.99
CA LEU K 423 32.73 -17.84 -46.80
C LEU K 423 31.27 -18.01 -46.41
N LEU K 424 31.00 -17.92 -45.11
CA LEU K 424 29.66 -18.04 -44.58
C LEU K 424 28.78 -16.95 -45.17
N LYS K 425 29.27 -15.71 -45.13
CA LYS K 425 28.54 -14.57 -45.67
C LYS K 425 28.28 -14.72 -47.17
N GLN K 426 29.29 -15.16 -47.92
CA GLN K 426 29.16 -15.29 -49.35
C GLN K 426 28.13 -16.33 -49.73
N LYS K 427 28.11 -17.45 -49.00
CA LYS K 427 27.14 -18.49 -49.28
C LYS K 427 25.78 -18.04 -48.84
N ARG K 428 25.71 -17.36 -47.70
CA ARG K 428 24.44 -16.92 -47.23
C ARG K 428 23.78 -15.99 -48.23
N ILE K 429 24.56 -15.06 -48.77
CA ILE K 429 23.98 -14.13 -49.72
C ILE K 429 23.67 -14.82 -51.04
N THR K 430 24.60 -15.62 -51.55
CA THR K 430 24.44 -16.28 -52.85
C THR K 430 23.18 -17.14 -52.86
N LEU K 431 22.92 -17.82 -51.76
CA LEU K 431 21.80 -18.71 -51.62
C LEU K 431 20.49 -17.99 -51.22
N GLY K 432 20.56 -16.67 -50.99
CA GLY K 432 19.39 -15.88 -50.63
C GLY K 432 18.93 -15.92 -49.16
N TYR K 433 19.79 -16.32 -48.23
CA TYR K 433 19.40 -16.42 -46.83
C TYR K 433 19.73 -15.16 -46.03
N THR K 434 18.94 -14.92 -45.00
CA THR K 434 19.16 -13.79 -44.11
C THR K 434 19.86 -14.21 -42.84
N GLN K 435 20.29 -13.24 -42.04
CA GLN K 435 20.93 -13.56 -40.78
C GLN K 435 19.95 -14.27 -39.86
N ALA K 436 18.68 -13.90 -39.97
CA ALA K 436 17.61 -14.51 -39.20
C ALA K 436 17.46 -15.99 -39.54
N ASP K 437 17.74 -16.37 -40.78
CA ASP K 437 17.58 -17.75 -41.20
C ASP K 437 18.72 -18.58 -40.71
N VAL K 438 19.91 -17.98 -40.59
CA VAL K 438 21.04 -18.76 -40.10
C VAL K 438 20.72 -19.11 -38.67
N GLY K 439 20.24 -18.11 -37.92
CA GLY K 439 19.87 -18.26 -36.53
C GLY K 439 18.85 -19.38 -36.31
N LEU K 440 17.73 -19.29 -37.05
CA LEU K 440 16.66 -20.27 -36.91
C LEU K 440 17.06 -21.67 -37.35
N THR K 441 17.85 -21.76 -38.43
CA THR K 441 18.27 -23.05 -38.92
C THR K 441 19.15 -23.73 -37.89
N LEU K 442 20.05 -22.98 -37.25
CA LEU K 442 20.91 -23.60 -36.25
C LEU K 442 20.07 -24.13 -35.11
N GLY K 443 19.02 -23.40 -34.74
CA GLY K 443 18.14 -23.89 -33.69
C GLY K 443 17.57 -25.25 -34.04
N VAL K 444 17.07 -25.38 -35.25
CA VAL K 444 16.51 -26.66 -35.66
C VAL K 444 17.54 -27.78 -35.67
N LEU K 445 18.73 -27.51 -36.20
CA LEU K 445 19.77 -28.53 -36.27
C LEU K 445 20.43 -28.92 -34.94
N PHE K 446 20.66 -27.94 -34.06
CA PHE K 446 21.39 -28.17 -32.82
C PHE K 446 20.66 -28.04 -31.48
N GLY K 447 19.52 -27.36 -31.44
CA GLY K 447 18.85 -27.09 -30.18
C GLY K 447 19.25 -25.71 -29.64
N LYS K 448 20.26 -25.13 -30.26
CA LYS K 448 20.78 -23.84 -29.91
C LYS K 448 20.40 -22.86 -30.99
N VAL K 449 19.47 -21.98 -30.68
CA VAL K 449 18.96 -21.04 -31.67
C VAL K 449 19.62 -19.73 -31.41
N PHE K 450 20.04 -19.08 -32.48
CA PHE K 450 20.70 -17.81 -32.30
C PHE K 450 19.91 -16.71 -32.97
N SER K 451 19.95 -15.50 -32.45
CA SER K 451 19.27 -14.39 -33.11
C SER K 451 20.19 -13.82 -34.16
N GLN K 452 19.67 -12.92 -34.98
CA GLN K 452 20.49 -12.27 -35.97
C GLN K 452 21.49 -11.31 -35.34
N THR K 453 21.31 -10.94 -34.07
CA THR K 453 22.27 -10.05 -33.45
C THR K 453 23.58 -10.79 -33.34
N THR K 454 23.49 -12.05 -32.91
CA THR K 454 24.62 -12.94 -32.76
C THR K 454 25.25 -13.23 -34.09
N ILE K 455 24.42 -13.46 -35.10
CA ILE K 455 24.98 -13.78 -36.40
C ILE K 455 25.71 -12.55 -36.94
N CYS K 456 25.12 -11.36 -36.80
CA CYS K 456 25.77 -10.15 -37.24
C CYS K 456 27.11 -9.94 -36.56
N ARG K 457 27.12 -10.03 -35.24
CA ARG K 457 28.35 -9.81 -34.51
C ARG K 457 29.38 -10.88 -34.89
N PHE K 458 28.94 -12.11 -35.14
CA PHE K 458 29.87 -13.14 -35.58
C PHE K 458 30.49 -12.75 -36.90
N GLU K 459 29.67 -12.40 -37.89
CA GLU K 459 30.17 -12.11 -39.22
C GLU K 459 31.11 -10.91 -39.19
N ALA K 460 30.81 -9.95 -38.31
CA ALA K 460 31.58 -8.74 -38.12
C ALA K 460 32.80 -8.97 -37.24
N LEU K 461 32.93 -10.19 -36.70
CA LEU K 461 34.01 -10.60 -35.82
C LEU K 461 34.13 -9.72 -34.58
N GLN K 462 32.98 -9.39 -33.98
CA GLN K 462 32.91 -8.55 -32.79
C GLN K 462 32.85 -9.37 -31.51
N LEU K 463 32.91 -10.67 -31.68
CA LEU K 463 32.84 -11.64 -30.62
C LEU K 463 34.23 -12.09 -30.21
N SER K 464 34.33 -12.72 -29.05
CA SER K 464 35.62 -13.23 -28.60
C SER K 464 36.05 -14.39 -29.47
N PHE K 465 37.34 -14.68 -29.42
CA PHE K 465 37.95 -15.79 -30.19
C PHE K 465 37.29 -17.09 -29.74
N LYS K 466 37.01 -17.27 -28.45
CA LYS K 466 36.45 -18.51 -27.96
C LYS K 466 35.05 -18.70 -28.49
N ASN K 467 34.26 -17.63 -28.53
CA ASN K 467 32.91 -17.78 -29.01
C ASN K 467 32.89 -18.09 -30.47
N MET K 468 33.80 -17.50 -31.21
CA MET K 468 33.79 -17.75 -32.62
C MET K 468 34.21 -19.18 -32.89
N CYS K 469 35.18 -19.68 -32.13
CA CYS K 469 35.64 -21.04 -32.30
C CYS K 469 34.57 -22.05 -31.92
N LYS K 470 33.85 -21.77 -30.84
CA LYS K 470 32.80 -22.65 -30.36
C LYS K 470 31.59 -22.67 -31.26
N LEU K 471 31.24 -21.51 -31.83
CA LEU K 471 30.11 -21.42 -32.71
C LEU K 471 30.45 -21.90 -34.13
N ARG K 472 31.69 -21.70 -34.56
CA ARG K 472 32.10 -22.07 -35.90
C ARG K 472 31.60 -23.43 -36.37
N PRO K 473 31.77 -24.58 -35.67
CA PRO K 473 31.31 -25.87 -36.14
C PRO K 473 29.81 -25.91 -36.45
N LEU K 474 29.03 -25.05 -35.80
CA LEU K 474 27.61 -25.06 -36.00
C LEU K 474 27.32 -24.32 -37.29
N LEU K 475 28.13 -23.29 -37.53
CA LEU K 475 28.01 -22.50 -38.72
C LEU K 475 28.58 -23.26 -39.91
N GLN K 476 29.58 -24.10 -39.68
CA GLN K 476 30.13 -24.89 -40.77
C GLN K 476 29.05 -25.84 -41.23
N LYS K 477 28.30 -26.39 -40.27
CA LYS K 477 27.22 -27.28 -40.61
C LYS K 477 26.15 -26.51 -41.37
N TRP K 478 25.87 -25.28 -40.93
CA TRP K 478 24.87 -24.47 -41.60
C TRP K 478 25.24 -24.29 -43.07
N VAL K 479 26.51 -24.00 -43.35
CA VAL K 479 26.93 -23.80 -44.72
C VAL K 479 26.74 -25.08 -45.55
N GLU K 480 27.10 -26.24 -44.98
CA GLU K 480 26.96 -27.52 -45.67
C GLU K 480 25.51 -27.94 -45.98
N GLU K 481 24.58 -27.65 -45.07
CA GLU K 481 23.16 -28.00 -45.21
C GLU K 481 22.39 -27.12 -46.20
N VAL L 28 27.12 3.42 -53.36
CA VAL L 28 26.40 2.19 -53.56
C VAL L 28 25.16 2.18 -52.68
N LYS L 29 24.02 1.95 -53.31
CA LYS L 29 22.72 1.91 -52.68
C LYS L 29 22.38 0.50 -52.30
N ARG L 30 21.46 0.34 -51.36
CA ARG L 30 21.03 -1.00 -50.92
C ARG L 30 20.08 -1.67 -51.92
N PRO L 31 20.03 -3.03 -51.98
CA PRO L 31 19.12 -3.82 -52.79
C PRO L 31 17.73 -3.77 -52.20
N MET L 32 16.73 -4.02 -53.03
CA MET L 32 15.35 -4.12 -52.57
C MET L 32 15.02 -5.45 -51.92
N ASN L 33 14.17 -5.41 -50.91
CA ASN L 33 13.65 -6.60 -50.28
C ASN L 33 12.31 -6.98 -50.93
N ALA L 34 11.66 -8.06 -50.50
CA ALA L 34 10.44 -8.46 -51.20
C ALA L 34 9.35 -7.39 -51.19
N PHE L 35 9.18 -6.69 -50.07
CA PHE L 35 8.17 -5.63 -50.00
C PHE L 35 8.49 -4.57 -51.00
N MET L 36 9.74 -4.13 -51.03
CA MET L 36 10.19 -3.08 -51.91
C MET L 36 10.10 -3.44 -53.39
N VAL L 37 10.33 -4.71 -53.75
CA VAL L 37 10.22 -5.03 -55.17
C VAL L 37 8.74 -4.87 -55.55
N TRP L 38 7.88 -5.42 -54.69
CA TRP L 38 6.45 -5.38 -54.88
C TRP L 38 5.86 -3.98 -54.85
N SER L 39 6.23 -3.18 -53.83
CA SER L 39 5.68 -1.86 -53.63
C SER L 39 5.99 -0.79 -54.64
N ARG L 40 7.18 -0.82 -55.27
CA ARG L 40 7.46 0.14 -56.37
C ARG L 40 6.71 -0.26 -57.64
N GLY L 41 6.43 -1.56 -57.83
CA GLY L 41 5.67 -2.07 -58.97
C GLY L 41 4.25 -1.54 -58.71
N GLN L 42 3.74 -1.80 -57.51
CA GLN L 42 2.39 -1.38 -57.18
C GLN L 42 2.26 0.12 -56.95
N ARG L 43 3.32 0.78 -56.47
CA ARG L 43 3.31 2.21 -56.29
C ARG L 43 3.24 2.87 -57.64
N ARG L 44 3.99 2.34 -58.62
CA ARG L 44 3.92 2.92 -59.94
C ARG L 44 2.52 2.75 -60.49
N LYS L 45 1.90 1.59 -60.27
CA LYS L 45 0.55 1.37 -60.73
C LYS L 45 -0.39 2.37 -60.10
N MET L 46 -0.30 2.56 -58.78
CA MET L 46 -1.17 3.49 -58.07
C MET L 46 -1.01 4.90 -58.58
N ALA L 47 0.23 5.33 -58.81
CA ALA L 47 0.51 6.66 -59.31
C ALA L 47 -0.06 6.86 -60.71
N GLN L 48 -0.07 5.81 -61.53
CA GLN L 48 -0.60 5.91 -62.88
C GLN L 48 -2.12 5.95 -62.89
N GLU L 49 -2.75 5.14 -62.02
CA GLU L 49 -4.21 5.10 -61.91
C GLU L 49 -4.75 6.37 -61.27
N ASN L 50 -4.01 6.88 -60.29
CA ASN L 50 -4.36 8.06 -59.54
C ASN L 50 -3.18 9.00 -59.41
N PRO L 51 -2.84 9.76 -60.47
CA PRO L 51 -1.72 10.67 -60.50
C PRO L 51 -2.08 11.79 -59.56
N LYS L 52 -1.07 12.48 -59.01
CA LYS L 52 -1.29 13.58 -58.07
C LYS L 52 -1.89 13.11 -56.74
N MET L 53 -1.75 11.82 -56.45
CA MET L 53 -2.15 11.24 -55.17
C MET L 53 -0.91 11.30 -54.31
N HIS L 54 -1.04 11.71 -53.07
CA HIS L 54 0.13 11.78 -52.23
C HIS L 54 0.61 10.37 -51.89
N ASN L 55 1.93 10.18 -51.88
CA ASN L 55 2.45 8.86 -51.57
C ASN L 55 2.17 8.40 -50.16
N SER L 56 1.90 9.28 -49.21
CA SER L 56 1.55 8.73 -47.90
C SER L 56 0.26 7.92 -47.97
N GLU L 57 -0.66 8.23 -48.90
CA GLU L 57 -1.88 7.46 -49.03
C GLU L 57 -1.56 6.16 -49.73
N ILE L 58 -0.73 6.27 -50.75
CA ILE L 58 -0.39 5.10 -51.54
C ILE L 58 0.36 4.11 -50.66
N SER L 59 1.30 4.60 -49.88
CA SER L 59 2.12 3.80 -49.01
C SER L 59 1.28 3.12 -47.93
N LYS L 60 0.31 3.81 -47.34
CA LYS L 60 -0.51 3.14 -46.35
C LYS L 60 -1.29 2.00 -46.98
N ARG L 61 -1.81 2.24 -48.19
CA ARG L 61 -2.56 1.22 -48.88
C ARG L 61 -1.68 0.04 -49.26
N LEU L 62 -0.45 0.32 -49.73
CA LEU L 62 0.45 -0.74 -50.12
C LEU L 62 0.88 -1.55 -48.93
N GLY L 63 1.11 -0.89 -47.81
CA GLY L 63 1.50 -1.59 -46.61
C GLY L 63 0.41 -2.57 -46.25
N ALA L 64 -0.85 -2.09 -46.21
CA ALA L 64 -1.94 -2.97 -45.86
C ALA L 64 -2.12 -4.11 -46.84
N GLU L 65 -1.98 -3.85 -48.15
CA GLU L 65 -2.17 -4.94 -49.08
C GLU L 65 -1.12 -6.00 -48.88
N TRP L 66 0.15 -5.60 -48.70
CA TRP L 66 1.24 -6.54 -48.51
C TRP L 66 0.94 -7.43 -47.31
N LYS L 67 0.51 -6.82 -46.21
CA LYS L 67 0.21 -7.59 -45.00
C LYS L 67 -0.83 -8.65 -45.23
N LEU L 68 -1.78 -8.36 -46.10
CA LEU L 68 -2.87 -9.26 -46.42
C LEU L 68 -2.55 -10.30 -47.49
N LEU L 69 -1.33 -10.28 -48.06
CA LEU L 69 -0.95 -11.24 -49.09
C LEU L 69 -0.49 -12.55 -48.48
N SER L 70 -0.69 -13.63 -49.23
CA SER L 70 -0.23 -14.96 -48.85
C SER L 70 1.23 -15.14 -49.20
N GLU L 71 1.85 -16.20 -48.70
CA GLU L 71 3.24 -16.47 -49.02
C GLU L 71 3.41 -16.68 -50.52
N THR L 72 2.42 -17.31 -51.16
CA THR L 72 2.46 -17.57 -52.59
C THR L 72 2.47 -16.27 -53.36
N GLU L 73 1.63 -15.33 -52.95
CA GLU L 73 1.54 -14.01 -53.58
C GLU L 73 2.81 -13.20 -53.40
N LYS L 74 3.44 -13.33 -52.23
CA LYS L 74 4.68 -12.64 -51.93
C LYS L 74 5.87 -13.31 -52.62
N ARG L 75 5.79 -14.64 -52.76
CA ARG L 75 6.85 -15.48 -53.31
C ARG L 75 7.63 -14.89 -54.49
N PRO L 76 7.04 -14.43 -55.61
CA PRO L 76 7.82 -13.90 -56.72
C PRO L 76 8.66 -12.68 -56.34
N PHE L 77 8.28 -11.96 -55.29
CA PHE L 77 9.00 -10.77 -54.87
C PHE L 77 10.08 -11.20 -53.93
N ILE L 78 9.83 -12.32 -53.26
CA ILE L 78 10.80 -12.89 -52.37
C ILE L 78 11.92 -13.44 -53.22
N ASP L 79 11.57 -14.15 -54.28
CA ASP L 79 12.58 -14.71 -55.14
C ASP L 79 13.34 -13.60 -55.87
N GLU L 80 12.66 -12.53 -56.27
CA GLU L 80 13.37 -11.44 -56.91
C GLU L 80 14.29 -10.77 -55.91
N ALA L 81 13.84 -10.60 -54.67
CA ALA L 81 14.69 -9.99 -53.67
C ALA L 81 15.93 -10.84 -53.42
N LYS L 82 15.79 -12.16 -53.41
CA LYS L 82 16.93 -13.04 -53.21
C LYS L 82 17.94 -12.86 -54.33
N ARG L 83 17.44 -12.78 -55.56
CA ARG L 83 18.32 -12.58 -56.69
C ARG L 83 19.00 -11.24 -56.64
N LEU L 84 18.27 -10.21 -56.25
CA LEU L 84 18.86 -8.88 -56.20
C LEU L 84 19.94 -8.81 -55.16
N ARG L 85 19.74 -9.47 -54.02
CA ARG L 85 20.78 -9.46 -53.00
C ARG L 85 22.05 -10.15 -53.48
N ALA L 86 21.89 -11.30 -54.16
CA ALA L 86 23.07 -11.98 -54.68
C ALA L 86 23.75 -11.16 -55.74
N LEU L 87 22.97 -10.50 -56.59
CA LEU L 87 23.54 -9.69 -57.64
C LEU L 87 24.26 -8.50 -57.07
N HIS L 88 23.68 -7.90 -56.03
CA HIS L 88 24.25 -6.72 -55.42
C HIS L 88 25.62 -7.06 -54.86
N MET L 89 25.71 -8.18 -54.15
CA MET L 89 26.97 -8.63 -53.59
C MET L 89 28.00 -8.92 -54.66
N LYS L 90 27.58 -9.54 -55.75
CA LYS L 90 28.52 -9.83 -56.81
C LYS L 90 29.03 -8.53 -57.46
N GLU L 91 28.13 -7.54 -57.61
CA GLU L 91 28.48 -6.25 -58.18
C GLU L 91 29.42 -5.48 -57.25
N HIS L 92 29.18 -5.59 -55.95
CA HIS L 92 29.98 -4.91 -54.95
C HIS L 92 30.38 -5.83 -53.79
N PRO L 93 31.33 -6.77 -53.98
CA PRO L 93 31.75 -7.77 -52.99
C PRO L 93 32.31 -7.12 -51.73
N ASP L 94 32.74 -5.87 -51.86
CA ASP L 94 33.32 -5.11 -50.78
C ASP L 94 32.37 -4.08 -50.17
N TYR L 95 31.08 -4.16 -50.49
CA TYR L 95 30.11 -3.25 -49.91
C TYR L 95 29.81 -3.58 -48.48
N LYS L 96 29.79 -2.55 -47.65
CA LYS L 96 29.46 -2.72 -46.26
C LYS L 96 28.47 -1.62 -45.92
N TYR L 97 27.34 -2.00 -45.34
CA TYR L 97 26.32 -1.04 -45.02
C TYR L 97 26.73 -0.32 -43.77
N ARG L 98 26.85 1.00 -43.87
CA ARG L 98 27.35 1.79 -42.77
C ARG L 98 26.46 2.96 -42.41
N PRO L 99 25.32 2.74 -41.76
CA PRO L 99 24.39 3.77 -41.35
C PRO L 99 25.05 4.50 -40.22
N ARG L 100 24.73 5.76 -40.04
CA ARG L 100 25.24 6.50 -38.91
C ARG L 100 24.13 7.31 -38.27
N ARG L 101 24.22 7.54 -36.98
CA ARG L 101 23.22 8.34 -36.30
C ARG L 101 23.27 9.77 -36.83
C1 PTD M . -21.11 29.48 -2.43
C2 PTD M . -20.32 29.66 -1.13
C3 PTD M . -18.94 29.00 -1.23
C4 PTD M . -18.06 29.76 -2.24
C5 PTD M . -16.81 28.92 -2.58
C1 PTD N . -21.25 -26.74 16.08
C2 PTD N . -20.63 -27.27 14.79
C3 PTD N . -20.07 -26.10 13.97
C4 PTD N . -19.72 -26.57 12.55
C5 PTD N . -18.90 -25.49 11.84
C1 PTD O . 18.98 -11.49 9.65
C2 PTD O . 19.42 -10.94 8.29
C3 PTD O . 20.14 -9.58 8.46
C4 PTD O . 19.16 -8.40 8.34
C5 PTD O . 19.81 -7.11 8.86
C1 PTD P . 15.33 -21.92 -16.92
C2 PTD P . 16.38 -23.01 -16.65
C3 PTD P . 16.28 -23.51 -15.20
C4 PTD P . 15.21 -24.63 -15.03
C5 PTD P . 14.06 -24.15 -14.13
C1 PTD Q . 23.71 15.84 15.46
C2 PTD Q . 25.12 16.38 15.24
C3 PTD Q . 25.95 15.35 14.46
C4 PTD Q . 27.40 15.82 14.37
C5 PTD Q . 28.26 14.77 13.66
C1 PTD R . -24.36 14.42 -9.64
C2 PTD R . -24.19 15.02 -11.02
C3 PTD R . -25.54 15.43 -11.65
C4 PTD R . -25.32 16.18 -12.99
C5 PTD R . -24.61 17.51 -12.72
C1 PTD S . -0.05 -13.33 28.76
C2 PTD S . -1.28 -13.52 29.66
C3 PTD S . -2.51 -13.86 28.81
C4 PTD S . -3.60 -14.52 29.68
C5 PTD S . -3.50 -16.06 29.60
C1 PTD T . -3.15 8.39 48.65
C2 PTD T . -3.24 7.51 49.90
C3 PTD T . -2.57 6.13 49.66
C4 PTD T . -3.59 5.02 49.32
C5 PTD T . -3.69 4.78 47.81
C1 PTD U . 33.31 -6.38 -43.50
C2 PTD U . 33.19 -7.84 -43.94
C3 PTD U . 34.50 -8.35 -44.56
C4 PTD U . 34.51 -8.16 -46.09
C5 PTD U . 35.42 -9.19 -46.75
#